data_3Q63
#
_entry.id   3Q63
#
_cell.length_a   40.116
_cell.length_b   148.122
_cell.length_c   87.391
_cell.angle_alpha   90.00
_cell.angle_beta   98.33
_cell.angle_gamma   90.00
#
_symmetry.space_group_name_H-M   'P 1 21 1'
#
loop_
_entity.id
_entity.type
_entity.pdbx_description
1 polymer 'Mll2253 protein'
2 water water
#
_entity_poly.entity_id   1
_entity_poly.type   'polypeptide(L)'
_entity_poly.pdbx_seq_one_letter_code
;(MSE)NDSATENRTVVVERQISHPPEKLWRALTQPHLIEEWL(MSE)KNDFKPAVGHRFNISADWGGVLDCEVLAVEPNK
TLSYTWNLAHQDPAFDLRSVVTFTLTPTPTGTHLR(MSE)EQSGFRPDQRRAYGGAK(MSE)GWPQFFEKLEQLLDRTDL
EHHHHHH
;
_entity_poly.pdbx_strand_id   A,B,C,D,E,F
#
# COMPACT_ATOMS: atom_id res chain seq x y z
N ARG A 9 -11.12 14.36 18.48
CA ARG A 9 -10.66 14.95 19.77
C ARG A 9 -9.67 16.06 19.50
N THR A 10 -9.57 16.99 20.44
CA THR A 10 -8.65 18.11 20.32
C THR A 10 -7.83 18.24 21.59
N VAL A 11 -6.54 18.53 21.42
CA VAL A 11 -5.64 18.71 22.56
C VAL A 11 -5.33 20.20 22.65
N VAL A 12 -5.60 20.79 23.82
CA VAL A 12 -5.36 22.20 24.01
C VAL A 12 -4.38 22.44 25.16
N VAL A 13 -3.37 23.26 24.88
CA VAL A 13 -2.38 23.60 25.88
C VAL A 13 -2.23 25.11 25.82
N GLU A 14 -2.20 25.75 26.99
CA GLU A 14 -2.06 27.20 27.06
C GLU A 14 -0.99 27.52 28.08
N ARG A 15 -0.33 28.66 27.91
CA ARG A 15 0.71 29.05 28.84
C ARG A 15 1.03 30.54 28.76
N GLN A 16 1.29 31.15 29.90
CA GLN A 16 1.64 32.55 29.94
C GLN A 16 3.16 32.61 29.81
N ILE A 17 3.63 33.21 28.72
CA ILE A 17 5.06 33.36 28.43
C ILE A 17 5.50 34.76 28.86
N SER A 18 6.64 34.85 29.55
CA SER A 18 7.15 36.13 30.02
C SER A 18 8.04 36.83 29.01
N HIS A 19 7.64 36.84 27.75
CA HIS A 19 8.40 37.49 26.70
C HIS A 19 7.45 38.10 25.68
N PRO A 20 7.91 39.11 24.94
CA PRO A 20 7.10 39.78 23.92
C PRO A 20 6.77 38.84 22.76
N PRO A 21 5.65 39.08 22.07
CA PRO A 21 5.23 38.24 20.94
C PRO A 21 6.27 38.01 19.85
N GLU A 22 6.95 39.07 19.44
CA GLU A 22 7.99 38.97 18.41
C GLU A 22 9.05 37.93 18.77
N LYS A 23 9.43 37.87 20.04
CA LYS A 23 10.45 36.94 20.49
C LYS A 23 9.94 35.50 20.50
N LEU A 24 8.66 35.31 20.84
CA LEU A 24 8.07 33.98 20.85
C LEU A 24 7.88 33.58 19.39
N TRP A 25 7.34 34.50 18.61
CA TRP A 25 7.11 34.27 17.19
C TRP A 25 8.37 33.74 16.51
N ARG A 26 9.52 34.35 16.78
CA ARG A 26 10.76 33.88 16.15
C ARG A 26 11.06 32.43 16.53
N ALA A 27 10.88 32.09 17.81
CA ALA A 27 11.16 30.73 18.25
C ALA A 27 10.20 29.71 17.64
N LEU A 28 9.05 30.19 17.18
CA LEU A 28 8.03 29.32 16.56
C LEU A 28 8.14 29.25 15.04
N THR A 29 8.88 30.18 14.45
CA THR A 29 9.00 30.25 12.99
C THR A 29 10.39 30.13 12.40
N GLN A 30 11.42 29.99 13.22
CA GLN A 30 12.76 29.86 12.70
C GLN A 30 13.26 28.45 12.92
N PRO A 31 13.57 27.75 11.82
CA PRO A 31 14.07 26.38 11.80
C PRO A 31 15.02 26.00 12.93
N HIS A 32 16.12 26.74 13.05
CA HIS A 32 17.10 26.43 14.08
C HIS A 32 16.57 26.64 15.50
N LEU A 33 15.58 27.51 15.64
CA LEU A 33 14.99 27.77 16.94
C LEU A 33 13.94 26.70 17.23
N ILE A 34 13.15 26.37 16.23
CA ILE A 34 12.13 25.34 16.38
C ILE A 34 12.80 24.04 16.81
N GLU A 35 13.91 23.71 16.15
CA GLU A 35 14.67 22.49 16.43
C GLU A 35 15.12 22.38 17.89
N GLU A 36 15.36 23.52 18.52
CA GLU A 36 15.79 23.57 19.91
C GLU A 36 14.73 23.03 20.87
N TRP A 37 13.49 23.46 20.70
CA TRP A 37 12.42 22.98 21.58
C TRP A 37 11.60 21.85 20.98
N LEU A 38 11.62 21.75 19.65
CA LEU A 38 10.86 20.72 18.94
C LEU A 38 11.83 19.66 18.40
N MSE A 39 12.16 19.77 17.12
CA MSE A 39 13.10 18.85 16.50
C MSE A 39 13.40 19.30 15.06
O MSE A 39 12.85 20.30 14.59
CB MSE A 39 12.56 17.42 16.50
CG MSE A 39 11.33 17.18 15.62
SE MSE A 39 10.56 15.40 15.86
CE MSE A 39 9.17 15.87 17.14
N LYS A 40 14.28 18.55 14.40
CA LYS A 40 14.70 18.80 13.03
C LYS A 40 13.48 19.14 12.15
N ASN A 41 13.61 20.18 11.33
CA ASN A 41 12.51 20.61 10.47
C ASN A 41 12.98 21.58 9.39
N ASP A 42 12.19 21.70 8.32
CA ASP A 42 12.50 22.65 7.25
C ASP A 42 11.32 23.59 7.08
N PHE A 43 10.85 24.08 8.23
CA PHE A 43 9.72 25.00 8.27
C PHE A 43 10.05 26.33 7.63
N LYS A 44 9.03 26.97 7.07
CA LYS A 44 9.15 28.29 6.44
C LYS A 44 7.81 28.99 6.63
N PRO A 45 7.82 30.24 7.12
CA PRO A 45 6.62 31.05 7.36
C PRO A 45 5.90 31.50 6.10
N ALA A 46 5.48 30.54 5.28
CA ALA A 46 4.79 30.84 4.04
C ALA A 46 3.61 29.90 3.83
N VAL A 47 2.42 30.48 3.64
CA VAL A 47 1.22 29.69 3.43
C VAL A 47 1.40 28.78 2.23
N GLY A 48 1.02 27.51 2.39
CA GLY A 48 1.15 26.56 1.30
C GLY A 48 2.47 25.81 1.32
N HIS A 49 3.42 26.30 2.12
CA HIS A 49 4.72 25.65 2.18
C HIS A 49 4.64 24.26 2.81
N ARG A 50 5.19 23.28 2.12
CA ARG A 50 5.19 21.91 2.61
C ARG A 50 6.56 21.58 3.20
N PHE A 51 6.54 20.89 4.33
CA PHE A 51 7.78 20.57 5.02
C PHE A 51 7.61 19.36 5.92
N ASN A 52 8.70 18.96 6.57
CA ASN A 52 8.64 17.83 7.48
C ASN A 52 9.28 18.16 8.81
N ILE A 53 8.84 17.41 9.82
CA ILE A 53 9.36 17.52 11.16
C ILE A 53 9.83 16.10 11.41
N SER A 54 11.11 15.94 11.72
CA SER A 54 11.67 14.60 11.91
C SER A 54 12.59 14.45 13.12
N ALA A 55 12.77 13.21 13.53
CA ALA A 55 13.61 12.88 14.67
C ALA A 55 14.84 12.14 14.17
N ASP A 56 15.94 12.20 14.91
CA ASP A 56 17.17 11.53 14.52
C ASP A 56 17.05 10.02 14.33
N TRP A 57 16.03 9.41 14.92
CA TRP A 57 15.87 7.96 14.78
C TRP A 57 15.02 7.55 13.58
N GLY A 58 14.57 8.51 12.79
CA GLY A 58 13.79 8.20 11.61
C GLY A 58 12.34 8.64 11.57
N GLY A 59 11.72 8.80 12.73
CA GLY A 59 10.32 9.22 12.76
C GLY A 59 10.18 10.53 12.01
N VAL A 60 9.05 10.72 11.34
CA VAL A 60 8.84 11.95 10.58
C VAL A 60 7.36 12.25 10.43
N LEU A 61 7.06 13.54 10.32
CA LEU A 61 5.69 14.04 10.15
C LEU A 61 5.66 14.86 8.86
N ASP A 62 4.52 14.86 8.17
CA ASP A 62 4.32 15.63 6.95
C ASP A 62 3.42 16.82 7.30
N CYS A 63 3.85 18.02 6.93
CA CYS A 63 3.13 19.23 7.27
C CYS A 63 3.05 20.25 6.15
N GLU A 64 2.04 21.11 6.22
CA GLU A 64 1.89 22.18 5.24
C GLU A 64 1.45 23.40 6.04
N VAL A 65 2.02 24.55 5.71
CA VAL A 65 1.66 25.78 6.41
C VAL A 65 0.28 26.18 5.90
N LEU A 66 -0.65 26.33 6.84
CA LEU A 66 -2.03 26.70 6.53
C LEU A 66 -2.33 28.19 6.69
N ALA A 67 -1.86 28.76 7.79
CA ALA A 67 -2.10 30.18 8.05
C ALA A 67 -0.93 30.82 8.76
N VAL A 68 -0.64 32.05 8.35
CA VAL A 68 0.46 32.82 8.91
C VAL A 68 0.03 34.27 9.14
N GLU A 69 0.01 34.67 10.40
CA GLU A 69 -0.36 36.03 10.78
C GLU A 69 0.66 36.45 11.82
N PRO A 70 1.78 37.04 11.37
CA PRO A 70 2.90 37.52 12.19
C PRO A 70 2.57 37.95 13.62
N ASN A 71 3.21 37.28 14.57
CA ASN A 71 3.05 37.55 15.99
C ASN A 71 1.66 37.29 16.53
N LYS A 72 0.78 36.70 15.73
CA LYS A 72 -0.57 36.43 16.21
C LYS A 72 -1.05 34.99 16.01
N THR A 73 -0.94 34.48 14.78
CA THR A 73 -1.39 33.12 14.52
C THR A 73 -0.53 32.33 13.55
N LEU A 74 -0.31 31.06 13.88
CA LEU A 74 0.46 30.16 13.04
C LEU A 74 -0.20 28.79 13.09
N SER A 75 -0.51 28.25 11.92
CA SER A 75 -1.14 26.94 11.84
C SER A 75 -0.57 26.11 10.69
N TYR A 76 -0.48 24.80 10.90
CA TYR A 76 0.01 23.89 9.88
C TYR A 76 -0.48 22.48 10.15
N THR A 77 -0.53 21.64 9.12
CA THR A 77 -0.97 20.27 9.33
C THR A 77 0.14 19.56 10.09
N TRP A 78 -0.17 18.36 10.57
CA TRP A 78 0.75 17.55 11.37
C TRP A 78 0.21 16.15 11.15
N ASN A 79 0.70 15.51 10.09
CA ASN A 79 0.24 14.18 9.69
C ASN A 79 1.32 13.15 9.50
N LEU A 80 0.87 11.91 9.36
CA LEU A 80 1.70 10.76 9.11
C LEU A 80 0.84 9.75 8.34
N ALA A 81 1.27 9.36 7.14
CA ALA A 81 0.53 8.38 6.36
C ALA A 81 0.98 7.01 6.82
N HIS A 82 0.05 6.16 7.22
CA HIS A 82 0.42 4.82 7.66
C HIS A 82 -0.72 3.84 7.37
N GLN A 83 -0.36 2.64 6.90
CA GLN A 83 -1.34 1.60 6.57
C GLN A 83 -2.25 1.29 7.75
N ASP A 84 -1.70 1.38 8.95
CA ASP A 84 -2.46 1.11 10.17
C ASP A 84 -3.24 2.35 10.56
N PRO A 85 -4.58 2.27 10.55
CA PRO A 85 -5.47 3.39 10.91
C PRO A 85 -5.17 4.00 12.27
N ALA A 86 -4.56 3.23 13.15
CA ALA A 86 -4.22 3.72 14.48
C ALA A 86 -3.07 4.73 14.44
N PHE A 87 -2.20 4.60 13.45
CA PHE A 87 -1.05 5.49 13.31
C PHE A 87 -1.18 6.50 12.15
N ASP A 88 -2.25 6.36 11.37
CA ASP A 88 -2.53 7.22 10.23
C ASP A 88 -3.14 8.52 10.72
N LEU A 89 -2.27 9.41 11.18
CA LEU A 89 -2.67 10.69 11.74
C LEU A 89 -2.86 11.85 10.76
N ARG A 90 -3.96 12.56 10.96
CA ARG A 90 -4.24 13.75 10.17
C ARG A 90 -4.68 14.75 11.23
N SER A 91 -3.93 15.84 11.38
CA SER A 91 -4.29 16.84 12.38
C SER A 91 -3.84 18.23 12.01
N VAL A 92 -4.35 19.20 12.76
CA VAL A 92 -3.99 20.57 12.57
C VAL A 92 -3.46 21.10 13.89
N VAL A 93 -2.37 21.84 13.82
CA VAL A 93 -1.78 22.42 15.00
C VAL A 93 -1.82 23.92 14.77
N THR A 94 -2.41 24.64 15.72
CA THR A 94 -2.54 26.09 15.62
C THR A 94 -2.10 26.80 16.89
N PHE A 95 -1.18 27.74 16.68
CA PHE A 95 -0.62 28.57 17.74
C PHE A 95 -1.31 29.92 17.67
N THR A 96 -1.75 30.42 18.81
CA THR A 96 -2.42 31.70 18.92
C THR A 96 -1.70 32.48 20.01
N LEU A 97 -1.16 33.64 19.63
CA LEU A 97 -0.43 34.49 20.55
C LEU A 97 -1.26 35.70 20.93
N THR A 98 -1.38 35.95 22.22
CA THR A 98 -2.14 37.09 22.70
C THR A 98 -1.23 37.92 23.60
N PRO A 99 -0.88 39.13 23.15
CA PRO A 99 -0.01 40.00 23.93
C PRO A 99 -0.65 40.35 25.27
N THR A 100 0.18 40.47 26.30
CA THR A 100 -0.27 40.83 27.64
C THR A 100 0.81 41.74 28.21
N PRO A 101 0.53 42.42 29.34
CA PRO A 101 1.49 43.32 29.98
C PRO A 101 2.83 42.71 30.33
N THR A 102 2.83 41.45 30.78
CA THR A 102 4.06 40.78 31.16
C THR A 102 4.69 39.98 30.03
N GLY A 103 3.96 39.79 28.94
CA GLY A 103 4.52 39.04 27.84
C GLY A 103 3.52 38.61 26.79
N THR A 104 3.36 37.31 26.64
CA THR A 104 2.45 36.79 25.63
C THR A 104 1.74 35.56 26.12
N HIS A 105 0.44 35.49 25.88
CA HIS A 105 -0.29 34.31 26.27
C HIS A 105 -0.31 33.44 25.01
N LEU A 106 0.11 32.19 25.15
CA LEU A 106 0.19 31.27 24.02
C LEU A 106 -0.71 30.05 24.17
N ARG A 107 -1.53 29.80 23.15
CA ARG A 107 -2.42 28.66 23.11
C ARG A 107 -2.08 27.80 21.89
N MSE A 108 -2.05 26.49 22.08
CA MSE A 108 -1.76 25.54 21.01
C MSE A 108 -2.97 24.63 20.90
O MSE A 108 -3.37 24.04 21.91
CB MSE A 108 -0.52 24.72 21.38
CG MSE A 108 0.01 23.81 20.28
SE MSE A 108 -1.13 22.30 19.89
CE MSE A 108 -1.56 22.81 18.08
N GLU A 109 -3.60 24.55 19.74
CA GLU A 109 -4.74 23.64 19.59
C GLU A 109 -4.40 22.61 18.52
N GLN A 110 -4.40 21.34 18.88
CA GLN A 110 -4.14 20.29 17.90
C GLN A 110 -5.41 19.48 17.73
N SER A 111 -5.98 19.52 16.53
CA SER A 111 -7.23 18.82 16.24
C SER A 111 -7.11 17.69 15.21
N GLY A 112 -7.96 16.67 15.31
CA GLY A 112 -7.94 15.59 14.35
C GLY A 112 -7.76 14.15 14.83
N PHE A 113 -7.56 13.96 16.13
CA PHE A 113 -7.38 12.62 16.67
C PHE A 113 -8.66 11.80 16.61
N ARG A 114 -8.55 10.57 16.11
CA ARG A 114 -9.70 9.68 16.02
C ARG A 114 -9.75 8.77 17.25
N PRO A 115 -10.94 8.23 17.57
CA PRO A 115 -11.12 7.34 18.72
C PRO A 115 -10.15 6.16 18.71
N ASP A 116 -9.72 5.76 17.51
CA ASP A 116 -8.82 4.65 17.36
C ASP A 116 -7.34 5.06 17.44
N GLN A 117 -7.10 6.30 17.87
CA GLN A 117 -5.73 6.79 17.99
C GLN A 117 -5.41 7.34 19.38
N ARG A 118 -5.79 6.59 20.42
CA ARG A 118 -5.53 7.03 21.80
C ARG A 118 -4.04 7.26 22.01
N ARG A 119 -3.23 6.46 21.33
CA ARG A 119 -1.79 6.59 21.43
C ARG A 119 -1.34 8.01 21.06
N ALA A 120 -1.76 8.48 19.88
CA ALA A 120 -1.41 9.81 19.41
C ALA A 120 -2.06 10.87 20.29
N TYR A 121 -3.32 10.66 20.63
CA TYR A 121 -4.04 11.61 21.48
C TYR A 121 -3.32 11.76 22.82
N GLY A 122 -3.08 10.63 23.49
CA GLY A 122 -2.40 10.67 24.78
C GLY A 122 -1.00 11.22 24.67
N GLY A 123 -0.27 10.82 23.63
CA GLY A 123 1.09 11.30 23.45
C GLY A 123 1.15 12.81 23.28
N ALA A 124 0.09 13.37 22.71
CA ALA A 124 0.00 14.81 22.49
C ALA A 124 -0.21 15.58 23.79
N LYS A 125 -1.08 15.05 24.66
CA LYS A 125 -1.33 15.72 25.94
C LYS A 125 -0.11 15.63 26.84
N MSE A 126 0.70 14.60 26.63
CA MSE A 126 1.90 14.39 27.43
C MSE A 126 3.08 15.17 26.85
O MSE A 126 3.82 15.83 27.59
CB MSE A 126 2.23 12.90 27.46
CG MSE A 126 3.55 12.54 28.09
SE MSE A 126 3.59 12.82 29.99
CE MSE A 126 2.57 11.27 30.55
N GLY A 127 3.23 15.12 25.53
CA GLY A 127 4.35 15.80 24.89
C GLY A 127 4.32 17.31 24.76
N TRP A 128 3.17 17.89 24.46
CA TRP A 128 3.10 19.34 24.30
C TRP A 128 3.59 20.09 25.52
N PRO A 129 3.18 19.66 26.74
CA PRO A 129 3.64 20.37 27.92
C PRO A 129 5.17 20.38 27.97
N GLN A 130 5.79 19.27 27.57
CA GLN A 130 7.24 19.17 27.56
C GLN A 130 7.82 20.08 26.47
N PHE A 131 7.18 20.10 25.31
CA PHE A 131 7.63 20.94 24.20
C PHE A 131 7.58 22.40 24.63
N PHE A 132 6.53 22.76 25.35
CA PHE A 132 6.37 24.12 25.83
C PHE A 132 7.47 24.44 26.84
N GLU A 133 7.75 23.50 27.74
CA GLU A 133 8.77 23.70 28.74
C GLU A 133 10.10 24.03 28.05
N LYS A 134 10.47 23.24 27.05
CA LYS A 134 11.71 23.49 26.33
C LYS A 134 11.69 24.83 25.61
N LEU A 135 10.51 25.26 25.17
CA LEU A 135 10.37 26.53 24.48
C LEU A 135 10.62 27.65 25.47
N GLU A 136 9.97 27.58 26.63
CA GLU A 136 10.14 28.60 27.64
C GLU A 136 11.60 28.66 28.10
N GLN A 137 12.21 27.49 28.26
CA GLN A 137 13.61 27.42 28.68
C GLN A 137 14.48 28.10 27.63
N LEU A 138 14.10 27.94 26.38
CA LEU A 138 14.82 28.54 25.27
C LEU A 138 14.72 30.06 25.35
N LEU A 139 13.51 30.59 25.49
CA LEU A 139 13.29 32.02 25.58
C LEU A 139 13.96 32.63 26.82
N ASP A 140 14.08 31.84 27.87
CA ASP A 140 14.71 32.32 29.10
C ASP A 140 16.23 32.17 29.01
N ASN B 8 25.31 1.82 0.11
CA ASN B 8 24.63 1.61 1.43
C ASN B 8 25.60 1.65 2.60
N ARG B 9 25.36 2.56 3.55
CA ARG B 9 26.21 2.69 4.71
C ARG B 9 25.59 2.01 5.94
N THR B 10 26.38 1.92 7.00
CA THR B 10 25.90 1.29 8.22
C THR B 10 26.42 2.04 9.45
N VAL B 11 25.54 2.26 10.41
CA VAL B 11 25.90 2.95 11.62
C VAL B 11 26.30 1.96 12.71
N VAL B 12 27.47 2.18 13.30
CA VAL B 12 27.96 1.31 14.37
C VAL B 12 28.23 2.12 15.63
N VAL B 13 27.71 1.65 16.76
CA VAL B 13 27.91 2.31 18.04
C VAL B 13 28.26 1.21 19.06
N GLU B 14 29.30 1.44 19.85
CA GLU B 14 29.72 0.47 20.85
C GLU B 14 29.82 1.13 22.22
N ARG B 15 29.59 0.35 23.27
CA ARG B 15 29.62 0.87 24.61
C ARG B 15 29.99 -0.23 25.58
N GLN B 16 30.74 0.13 26.63
CA GLN B 16 31.11 -0.84 27.66
C GLN B 16 30.12 -0.55 28.78
N ILE B 17 29.32 -1.55 29.13
CA ILE B 17 28.31 -1.39 30.16
C ILE B 17 28.68 -2.16 31.43
N SER B 18 28.70 -1.46 32.55
CA SER B 18 29.05 -2.04 33.85
C SER B 18 27.92 -2.84 34.49
N HIS B 19 27.31 -3.72 33.71
CA HIS B 19 26.23 -4.57 34.19
C HIS B 19 26.35 -5.91 33.48
N PRO B 20 25.88 -6.98 34.12
CA PRO B 20 25.94 -8.33 33.54
C PRO B 20 25.06 -8.42 32.30
N PRO B 21 25.42 -9.32 31.36
CA PRO B 21 24.67 -9.51 30.12
C PRO B 21 23.17 -9.77 30.33
N GLU B 22 22.82 -10.58 31.31
CA GLU B 22 21.41 -10.90 31.57
C GLU B 22 20.55 -9.67 31.84
N LYS B 23 21.09 -8.73 32.60
CA LYS B 23 20.40 -7.49 32.93
C LYS B 23 20.24 -6.64 31.68
N LEU B 24 21.32 -6.50 30.92
CA LEU B 24 21.29 -5.74 29.68
C LEU B 24 20.26 -6.37 28.75
N TRP B 25 20.32 -7.69 28.62
CA TRP B 25 19.39 -8.42 27.74
C TRP B 25 17.93 -8.11 28.05
N ARG B 26 17.59 -8.07 29.33
CA ARG B 26 16.22 -7.78 29.74
C ARG B 26 15.80 -6.38 29.33
N ALA B 27 16.69 -5.41 29.52
CA ALA B 27 16.39 -4.03 29.16
C ALA B 27 16.17 -3.89 27.65
N LEU B 28 16.76 -4.79 26.87
CA LEU B 28 16.63 -4.75 25.41
C LEU B 28 15.45 -5.55 24.86
N THR B 29 14.90 -6.45 25.69
CA THR B 29 13.81 -7.31 25.27
C THR B 29 12.50 -7.18 26.05
N GLN B 30 12.48 -6.34 27.09
CA GLN B 30 11.28 -6.15 27.90
C GLN B 30 10.59 -4.86 27.49
N PRO B 31 9.35 -4.96 26.97
CA PRO B 31 8.57 -3.79 26.54
C PRO B 31 8.59 -2.60 27.48
N HIS B 32 8.27 -2.83 28.76
CA HIS B 32 8.22 -1.73 29.72
C HIS B 32 9.61 -1.12 29.97
N LEU B 33 10.65 -1.93 29.75
CA LEU B 33 12.02 -1.47 29.94
C LEU B 33 12.48 -0.75 28.67
N ILE B 34 12.18 -1.31 27.51
CA ILE B 34 12.54 -0.70 26.23
C ILE B 34 11.97 0.72 26.18
N GLU B 35 10.72 0.87 26.61
CA GLU B 35 10.07 2.17 26.61
C GLU B 35 10.80 3.19 27.48
N GLU B 36 11.54 2.71 28.47
CA GLU B 36 12.26 3.57 29.40
C GLU B 36 13.47 4.28 28.78
N TRP B 37 14.18 3.60 27.89
CA TRP B 37 15.34 4.21 27.25
C TRP B 37 15.11 4.49 25.77
N LEU B 38 14.14 3.79 25.18
CA LEU B 38 13.83 3.99 23.78
C LEU B 38 12.50 4.73 23.69
N MSE B 39 11.40 3.99 23.54
CA MSE B 39 10.06 4.56 23.50
C MSE B 39 9.00 3.47 23.40
O MSE B 39 9.32 2.29 23.32
CB MSE B 39 9.92 5.53 22.31
CG MSE B 39 9.90 4.88 20.94
SE MSE B 39 10.09 6.15 19.47
CE MSE B 39 12.02 6.18 19.31
N LYS B 40 7.74 3.90 23.43
CA LYS B 40 6.57 3.03 23.35
C LYS B 40 6.79 1.94 22.32
N ASN B 41 6.43 0.71 22.66
CA ASN B 41 6.61 -0.41 21.75
C ASN B 41 5.86 -1.63 22.21
N ASP B 42 5.68 -2.57 21.30
CA ASP B 42 5.02 -3.84 21.57
C ASP B 42 5.93 -4.98 21.12
N PHE B 43 7.20 -4.86 21.47
CA PHE B 43 8.23 -5.85 21.15
C PHE B 43 7.97 -7.22 21.78
N LYS B 44 8.47 -8.26 21.14
CA LYS B 44 8.38 -9.63 21.63
C LYS B 44 9.59 -10.36 21.09
N PRO B 45 10.34 -11.04 21.97
CA PRO B 45 11.55 -11.80 21.62
C PRO B 45 11.28 -13.05 20.78
N ALA B 46 10.54 -12.91 19.69
CA ALA B 46 10.24 -14.05 18.84
C ALA B 46 10.49 -13.70 17.37
N VAL B 47 11.26 -14.55 16.70
CA VAL B 47 11.59 -14.34 15.30
C VAL B 47 10.34 -14.22 14.44
N GLY B 48 10.33 -13.21 13.58
CA GLY B 48 9.20 -12.99 12.69
C GLY B 48 8.13 -12.12 13.31
N HIS B 49 8.26 -11.85 14.61
CA HIS B 49 7.27 -11.02 15.29
C HIS B 49 7.29 -9.59 14.77
N ARG B 50 6.12 -9.09 14.37
CA ARG B 50 6.04 -7.74 13.87
C ARG B 50 5.51 -6.80 14.95
N PHE B 51 6.12 -5.63 15.06
CA PHE B 51 5.73 -4.64 16.05
C PHE B 51 6.07 -3.24 15.60
N ASN B 52 5.72 -2.28 16.43
CA ASN B 52 6.00 -0.88 16.15
C ASN B 52 6.66 -0.23 17.35
N ILE B 53 7.35 0.86 17.07
CA ILE B 53 8.02 1.65 18.09
C ILE B 53 7.48 3.04 17.74
N SER B 54 6.77 3.66 18.68
CA SER B 54 6.16 4.96 18.41
C SER B 54 6.44 6.03 19.46
N ALA B 55 6.42 7.28 19.01
CA ALA B 55 6.70 8.43 19.86
C ALA B 55 5.42 9.18 20.26
N ASP B 56 5.49 9.99 21.31
CA ASP B 56 4.30 10.72 21.75
C ASP B 56 3.82 11.76 20.75
N TRP B 57 4.72 12.27 19.92
CA TRP B 57 4.36 13.30 18.93
C TRP B 57 3.79 12.78 17.62
N GLY B 58 3.66 11.45 17.51
CA GLY B 58 3.08 10.86 16.32
C GLY B 58 3.99 9.99 15.45
N GLY B 59 5.30 10.16 15.56
CA GLY B 59 6.20 9.37 14.73
C GLY B 59 6.10 7.89 15.04
N VAL B 60 6.32 7.05 14.04
CA VAL B 60 6.22 5.60 14.25
C VAL B 60 7.10 4.83 13.30
N LEU B 61 7.63 3.72 13.78
CA LEU B 61 8.49 2.84 12.99
C LEU B 61 7.84 1.47 12.95
N ASP B 62 8.03 0.76 11.83
CA ASP B 62 7.49 -0.59 11.65
C ASP B 62 8.67 -1.54 11.80
N CYS B 63 8.55 -2.51 12.69
CA CYS B 63 9.64 -3.45 12.93
C CYS B 63 9.24 -4.92 12.91
N GLU B 64 10.24 -5.76 12.70
CA GLU B 64 10.05 -7.20 12.67
C GLU B 64 11.27 -7.87 13.28
N VAL B 65 11.06 -8.79 14.22
CA VAL B 65 12.18 -9.48 14.84
C VAL B 65 12.78 -10.42 13.79
N LEU B 66 14.10 -10.37 13.64
CA LEU B 66 14.80 -11.20 12.67
C LEU B 66 15.63 -12.30 13.29
N ALA B 67 16.28 -12.00 14.41
CA ALA B 67 17.10 -13.00 15.07
C ALA B 67 17.10 -12.80 16.57
N VAL B 68 17.16 -13.91 17.31
CA VAL B 68 17.16 -13.85 18.76
C VAL B 68 18.03 -14.94 19.35
N GLU B 69 19.08 -14.52 20.06
CA GLU B 69 19.99 -15.45 20.71
C GLU B 69 20.20 -14.91 22.12
N PRO B 70 19.38 -15.38 23.08
CA PRO B 70 19.40 -14.99 24.49
C PRO B 70 20.74 -14.57 25.05
N ASN B 71 20.75 -13.37 25.62
CA ASN B 71 21.92 -12.77 26.23
C ASN B 71 23.08 -12.58 25.26
N LYS B 72 22.87 -12.83 23.98
CA LYS B 72 23.96 -12.67 23.01
C LYS B 72 23.68 -11.79 21.80
N THR B 73 22.63 -12.11 21.06
CA THR B 73 22.29 -11.36 19.85
C THR B 73 20.80 -11.08 19.70
N LEU B 74 20.48 -9.91 19.15
CA LEU B 74 19.11 -9.51 18.92
C LEU B 74 19.07 -8.61 17.68
N SER B 75 18.24 -8.96 16.72
CA SER B 75 18.13 -8.16 15.51
C SER B 75 16.68 -8.02 15.08
N TYR B 76 16.35 -6.85 14.53
CA TYR B 76 15.02 -6.57 14.03
C TYR B 76 15.04 -5.43 13.02
N THR B 77 14.06 -5.41 12.12
CA THR B 77 13.95 -4.37 11.12
C THR B 77 13.55 -3.07 11.81
N TRP B 78 13.90 -1.97 11.17
CA TRP B 78 13.66 -0.63 11.68
C TRP B 78 13.33 0.15 10.40
N ASN B 79 12.05 0.13 10.04
CA ASN B 79 11.58 0.76 8.80
C ASN B 79 10.50 1.81 8.92
N LEU B 80 10.39 2.61 7.87
CA LEU B 80 9.37 3.63 7.81
C LEU B 80 9.08 3.89 6.33
N ALA B 81 7.88 3.50 5.90
CA ALA B 81 7.50 3.68 4.50
C ALA B 81 7.09 5.13 4.27
N HIS B 82 7.78 5.81 3.36
CA HIS B 82 7.47 7.20 3.07
C HIS B 82 7.63 7.48 1.58
N GLN B 83 6.76 8.32 1.06
CA GLN B 83 6.76 8.69 -0.35
C GLN B 83 8.11 9.31 -0.73
N ASP B 84 8.66 10.10 0.17
CA ASP B 84 9.92 10.73 -0.10
C ASP B 84 11.07 9.79 0.26
N PRO B 85 11.88 9.40 -0.75
CA PRO B 85 13.02 8.48 -0.58
C PRO B 85 14.01 8.93 0.49
N ALA B 86 13.99 10.20 0.80
CA ALA B 86 14.89 10.76 1.82
C ALA B 86 14.48 10.23 3.20
N PHE B 87 13.19 9.91 3.34
CA PHE B 87 12.63 9.43 4.60
C PHE B 87 12.21 7.96 4.56
N ASP B 88 12.05 7.41 3.36
CA ASP B 88 11.65 6.02 3.20
C ASP B 88 12.78 5.13 3.75
N LEU B 89 12.74 4.87 5.05
CA LEU B 89 13.78 4.09 5.72
C LEU B 89 13.56 2.59 5.75
N ARG B 90 14.62 1.86 5.43
CA ARG B 90 14.60 0.40 5.43
C ARG B 90 15.93 -0.02 6.02
N SER B 91 15.92 -0.56 7.23
CA SER B 91 17.17 -0.94 7.85
C SER B 91 17.04 -2.08 8.85
N VAL B 92 18.19 -2.60 9.25
CA VAL B 92 18.23 -3.68 10.23
C VAL B 92 19.12 -3.25 11.40
N VAL B 93 18.59 -3.38 12.61
CA VAL B 93 19.31 -3.03 13.81
C VAL B 93 19.68 -4.35 14.50
N THR B 94 20.98 -4.54 14.77
CA THR B 94 21.43 -5.77 15.43
C THR B 94 22.29 -5.42 16.66
N PHE B 95 21.93 -5.98 17.81
CA PHE B 95 22.66 -5.75 19.06
C PHE B 95 23.51 -6.98 19.33
N THR B 96 24.75 -6.78 19.76
CA THR B 96 25.63 -7.88 20.08
C THR B 96 26.20 -7.68 21.47
N LEU B 97 25.93 -8.64 22.35
CA LEU B 97 26.37 -8.59 23.73
C LEU B 97 27.57 -9.52 23.92
N THR B 98 28.65 -8.98 24.44
CA THR B 98 29.86 -9.76 24.68
C THR B 98 30.23 -9.60 26.15
N PRO B 99 30.15 -10.69 26.93
CA PRO B 99 30.49 -10.67 28.36
C PRO B 99 31.92 -10.20 28.58
N THR B 100 32.12 -9.32 29.56
CA THR B 100 33.45 -8.84 29.92
C THR B 100 33.57 -8.98 31.43
N PRO B 101 34.80 -8.88 31.96
CA PRO B 101 35.06 -8.98 33.40
C PRO B 101 34.26 -8.01 34.28
N THR B 102 34.09 -6.77 33.82
CA THR B 102 33.35 -5.78 34.59
C THR B 102 31.90 -5.59 34.13
N GLY B 103 31.48 -6.33 33.12
CA GLY B 103 30.11 -6.20 32.67
C GLY B 103 29.80 -6.79 31.31
N THR B 104 29.39 -5.94 30.39
CA THR B 104 29.03 -6.39 29.06
C THR B 104 29.35 -5.36 28.00
N HIS B 105 29.99 -5.80 26.92
CA HIS B 105 30.31 -4.91 25.84
C HIS B 105 29.16 -5.01 24.83
N LEU B 106 28.54 -3.87 24.52
CA LEU B 106 27.42 -3.83 23.59
C LEU B 106 27.76 -3.15 22.27
N ARG B 107 27.41 -3.79 21.15
CA ARG B 107 27.63 -3.22 19.83
C ARG B 107 26.28 -3.14 19.15
N MSE B 108 26.01 -2.02 18.50
CA MSE B 108 24.74 -1.85 17.79
C MSE B 108 25.11 -1.53 16.35
O MSE B 108 25.88 -0.61 16.08
CB MSE B 108 23.96 -0.69 18.40
CG MSE B 108 22.52 -0.52 17.89
SE MSE B 108 22.33 0.01 16.02
CE MSE B 108 23.44 1.58 15.99
N GLU B 109 24.59 -2.34 15.43
CA GLU B 109 24.84 -2.11 14.01
C GLU B 109 23.49 -1.91 13.34
N GLN B 110 23.35 -0.79 12.65
CA GLN B 110 22.13 -0.48 11.93
C GLN B 110 22.53 -0.21 10.49
N SER B 111 22.18 -1.16 9.62
CA SER B 111 22.52 -1.06 8.20
C SER B 111 21.28 -0.90 7.35
N GLY B 112 21.47 -0.46 6.10
CA GLY B 112 20.35 -0.28 5.20
C GLY B 112 20.22 1.14 4.71
N PHE B 113 21.06 2.03 5.23
CA PHE B 113 21.04 3.43 4.85
C PHE B 113 21.52 3.63 3.41
N ARG B 114 20.67 4.23 2.58
CA ARG B 114 21.01 4.47 1.18
C ARG B 114 21.87 5.72 1.06
N PRO B 115 22.62 5.86 -0.05
CA PRO B 115 23.48 7.03 -0.28
C PRO B 115 22.71 8.33 -0.45
N ASP B 116 21.39 8.22 -0.60
CA ASP B 116 20.52 9.38 -0.79
C ASP B 116 19.78 9.70 0.49
N GLN B 117 20.23 9.10 1.60
CA GLN B 117 19.62 9.32 2.92
C GLN B 117 20.68 9.81 3.90
N ARG B 118 21.30 10.93 3.56
CA ARG B 118 22.34 11.54 4.38
C ARG B 118 21.85 11.92 5.77
N ARG B 119 20.67 12.51 5.83
CA ARG B 119 20.10 12.94 7.12
C ARG B 119 19.75 11.76 8.02
N ALA B 120 19.37 10.64 7.42
CA ALA B 120 19.00 9.46 8.19
C ALA B 120 20.23 8.81 8.81
N TYR B 121 21.32 8.77 8.03
CA TYR B 121 22.58 8.18 8.49
C TYR B 121 23.12 8.95 9.69
N GLY B 122 23.25 10.26 9.52
CA GLY B 122 23.76 11.10 10.58
C GLY B 122 22.90 11.14 11.82
N GLY B 123 21.59 11.10 11.62
CA GLY B 123 20.67 11.14 12.75
C GLY B 123 20.85 9.92 13.65
N ALA B 124 21.09 8.77 13.03
CA ALA B 124 21.29 7.54 13.78
C ALA B 124 22.64 7.55 14.50
N LYS B 125 23.64 8.18 13.88
CA LYS B 125 24.97 8.26 14.48
C LYS B 125 24.95 8.98 15.81
N MSE B 126 24.17 10.04 15.93
CA MSE B 126 24.12 10.75 17.20
C MSE B 126 22.86 10.39 17.98
O MSE B 126 22.74 10.71 19.16
CB MSE B 126 24.18 12.26 16.96
CG MSE B 126 23.06 12.82 16.14
SE MSE B 126 23.42 14.64 15.62
CE MSE B 126 23.44 15.44 17.37
N GLY B 127 21.94 9.69 17.32
CA GLY B 127 20.71 9.29 17.97
C GLY B 127 20.92 8.10 18.89
N TRP B 128 21.70 7.12 18.44
CA TRP B 128 21.95 5.93 19.25
C TRP B 128 22.73 6.21 20.53
N PRO B 129 23.71 7.12 20.47
CA PRO B 129 24.48 7.44 21.67
C PRO B 129 23.54 7.98 22.76
N GLN B 130 22.51 8.71 22.34
CA GLN B 130 21.52 9.26 23.27
C GLN B 130 20.69 8.12 23.85
N PHE B 131 20.29 7.16 23.02
CA PHE B 131 19.50 6.04 23.51
C PHE B 131 20.31 5.21 24.51
N PHE B 132 21.57 4.95 24.20
CA PHE B 132 22.42 4.15 25.10
C PHE B 132 22.69 4.88 26.41
N GLU B 133 22.70 6.20 26.38
CA GLU B 133 22.91 6.98 27.59
C GLU B 133 21.73 6.72 28.52
N LYS B 134 20.52 6.74 27.96
CA LYS B 134 19.33 6.50 28.77
C LYS B 134 19.26 5.03 29.18
N LEU B 135 19.88 4.15 28.39
CA LEU B 135 19.90 2.74 28.71
C LEU B 135 20.79 2.50 29.93
N GLU B 136 21.95 3.13 29.93
CA GLU B 136 22.88 2.99 31.05
C GLU B 136 22.32 3.62 32.31
N GLN B 137 21.57 4.71 32.13
CA GLN B 137 20.94 5.40 33.24
C GLN B 137 19.90 4.49 33.89
N LEU B 138 19.12 3.81 33.05
CA LEU B 138 18.10 2.89 33.51
C LEU B 138 18.72 1.74 34.32
N LEU B 139 19.76 1.12 33.75
CA LEU B 139 20.44 0.01 34.41
C LEU B 139 21.01 0.41 35.78
N ASP B 140 21.43 1.67 35.91
CA ASP B 140 21.96 2.17 37.18
C ASP B 140 20.89 2.48 38.22
N ARG B 141 19.78 3.08 37.80
CA ARG B 141 18.74 3.40 38.75
C ARG B 141 17.93 2.18 39.19
N THR B 142 18.06 1.09 38.43
CA THR B 142 17.35 -0.13 38.77
C THR B 142 18.31 -1.11 39.42
N ASP B 143 19.50 -0.63 39.76
CA ASP B 143 20.50 -1.46 40.40
C ASP B 143 20.48 -1.26 41.92
N LEU B 144 20.94 -2.28 42.66
CA LEU B 144 20.97 -2.22 44.11
C LEU B 144 21.90 -1.11 44.61
N ASN C 8 4.55 -24.95 14.88
CA ASN C 8 3.55 -23.85 14.82
C ASN C 8 4.16 -22.62 14.18
N ARG C 9 5.19 -22.08 14.83
CA ARG C 9 5.87 -20.89 14.33
C ARG C 9 7.10 -21.21 13.51
N THR C 10 7.68 -22.39 13.71
CA THR C 10 8.88 -22.76 12.96
C THR C 10 8.86 -24.15 12.34
N VAL C 11 9.41 -24.24 11.14
CA VAL C 11 9.49 -25.50 10.40
C VAL C 11 10.97 -25.87 10.30
N VAL C 12 11.29 -27.11 10.65
CA VAL C 12 12.67 -27.57 10.59
C VAL C 12 12.81 -28.82 9.73
N VAL C 13 13.81 -28.82 8.86
CA VAL C 13 14.08 -29.96 7.98
C VAL C 13 15.58 -30.25 8.08
N GLU C 14 15.92 -31.53 8.25
CA GLU C 14 17.31 -31.94 8.38
C GLU C 14 17.62 -33.05 7.40
N ARG C 15 18.86 -33.08 6.93
CA ARG C 15 19.30 -34.08 5.97
C ARG C 15 20.78 -34.37 6.18
N GLN C 16 21.14 -35.64 6.00
CA GLN C 16 22.52 -36.11 6.11
C GLN C 16 22.99 -36.18 4.67
N ILE C 17 23.88 -35.28 4.29
CA ILE C 17 24.40 -35.22 2.92
C ILE C 17 25.83 -35.72 2.90
N SER C 18 26.08 -36.74 2.08
CA SER C 18 27.40 -37.33 1.99
C SER C 18 28.36 -36.54 1.11
N HIS C 19 28.50 -35.26 1.41
CA HIS C 19 29.38 -34.34 0.70
C HIS C 19 29.96 -33.36 1.69
N PRO C 20 31.21 -32.94 1.47
CA PRO C 20 31.90 -32.00 2.36
C PRO C 20 31.17 -30.65 2.41
N PRO C 21 31.22 -29.98 3.56
CA PRO C 21 30.55 -28.67 3.72
C PRO C 21 30.83 -27.66 2.61
N GLU C 22 32.07 -27.60 2.15
CA GLU C 22 32.46 -26.67 1.09
C GLU C 22 31.64 -26.83 -0.18
N LYS C 23 31.36 -28.08 -0.55
CA LYS C 23 30.58 -28.35 -1.76
C LYS C 23 29.12 -27.98 -1.53
N LEU C 24 28.54 -28.43 -0.42
CA LEU C 24 27.16 -28.09 -0.14
C LEU C 24 27.03 -26.57 -0.09
N TRP C 25 27.96 -25.90 0.59
CA TRP C 25 27.93 -24.45 0.71
C TRP C 25 27.86 -23.76 -0.65
N ARG C 26 28.57 -24.30 -1.63
CA ARG C 26 28.57 -23.72 -2.97
C ARG C 26 27.19 -23.87 -3.64
N ALA C 27 26.51 -24.98 -3.39
CA ALA C 27 25.20 -25.19 -3.98
C ALA C 27 24.14 -24.31 -3.32
N LEU C 28 24.43 -23.82 -2.11
CA LEU C 28 23.50 -22.97 -1.37
C LEU C 28 23.79 -21.48 -1.56
N THR C 29 24.94 -21.16 -2.14
CA THR C 29 25.33 -19.75 -2.31
C THR C 29 25.53 -19.25 -3.73
N GLN C 30 25.57 -20.15 -4.70
CA GLN C 30 25.75 -19.79 -6.11
C GLN C 30 24.38 -19.72 -6.77
N PRO C 31 24.02 -18.55 -7.32
CA PRO C 31 22.74 -18.28 -7.98
C PRO C 31 22.34 -19.34 -9.02
N HIS C 32 23.26 -19.68 -9.91
CA HIS C 32 23.01 -20.67 -10.96
C HIS C 32 22.76 -22.05 -10.36
N LEU C 33 23.39 -22.34 -9.23
CA LEU C 33 23.21 -23.64 -8.58
C LEU C 33 21.92 -23.62 -7.75
N ILE C 34 21.64 -22.49 -7.11
CA ILE C 34 20.43 -22.36 -6.31
C ILE C 34 19.21 -22.59 -7.20
N GLU C 35 19.24 -22.04 -8.41
CA GLU C 35 18.16 -22.19 -9.36
C GLU C 35 17.87 -23.64 -9.71
N GLU C 36 18.89 -24.49 -9.66
CA GLU C 36 18.70 -25.89 -10.02
C GLU C 36 17.90 -26.70 -9.03
N TRP C 37 18.06 -26.45 -7.73
CA TRP C 37 17.30 -27.22 -6.75
C TRP C 37 16.15 -26.41 -6.15
N LEU C 38 16.29 -25.08 -6.18
CA LEU C 38 15.25 -24.21 -5.66
C LEU C 38 14.51 -23.56 -6.83
N MSE C 39 14.90 -22.35 -7.21
CA MSE C 39 14.31 -21.65 -8.36
C MSE C 39 15.08 -20.37 -8.66
O MSE C 39 15.98 -19.97 -7.90
CB MSE C 39 12.82 -21.36 -8.12
CG MSE C 39 12.50 -20.49 -6.93
SE MSE C 39 10.57 -20.31 -6.59
CE MSE C 39 10.38 -21.50 -5.07
N LYS C 40 14.72 -19.73 -9.77
CA LYS C 40 15.34 -18.48 -10.24
C LYS C 40 15.59 -17.49 -9.11
N ASN C 41 16.77 -16.87 -9.10
CA ASN C 41 17.10 -15.95 -8.03
C ASN C 41 18.33 -15.09 -8.35
N ASP C 42 18.51 -14.01 -7.59
CA ASP C 42 19.67 -13.14 -7.74
C ASP C 42 20.39 -13.04 -6.40
N PHE C 43 20.56 -14.18 -5.74
CA PHE C 43 21.23 -14.25 -4.44
C PHE C 43 22.72 -13.95 -4.51
N LYS C 44 23.24 -13.33 -3.44
CA LYS C 44 24.66 -13.03 -3.30
C LYS C 44 25.00 -13.25 -1.81
N PRO C 45 26.08 -14.00 -1.52
CA PRO C 45 26.56 -14.32 -0.17
C PRO C 45 27.09 -13.11 0.62
N ALA C 46 26.27 -12.07 0.73
CA ALA C 46 26.70 -10.87 1.43
C ALA C 46 25.61 -10.33 2.33
N VAL C 47 25.94 -10.12 3.60
CA VAL C 47 24.98 -9.58 4.54
C VAL C 47 24.42 -8.26 4.04
N GLY C 48 23.12 -8.06 4.21
CA GLY C 48 22.48 -6.83 3.78
C GLY C 48 21.99 -6.86 2.34
N HIS C 49 22.46 -7.84 1.59
CA HIS C 49 22.07 -7.96 0.20
C HIS C 49 20.58 -8.30 0.04
N ARG C 50 19.91 -7.54 -0.82
CA ARG C 50 18.49 -7.73 -1.06
C ARG C 50 18.31 -8.39 -2.43
N PHE C 51 17.49 -9.44 -2.47
CA PHE C 51 17.24 -10.17 -3.70
C PHE C 51 15.83 -10.73 -3.76
N ASN C 52 15.54 -11.43 -4.86
CA ASN C 52 14.25 -12.05 -5.05
C ASN C 52 14.41 -13.50 -5.48
N ILE C 53 13.39 -14.29 -5.16
CA ILE C 53 13.32 -15.68 -5.54
C ILE C 53 11.98 -15.75 -6.24
N SER C 54 11.95 -16.29 -7.46
CA SER C 54 10.71 -16.35 -8.24
C SER C 54 10.51 -17.64 -9.01
N ALA C 55 9.25 -17.99 -9.23
CA ALA C 55 8.89 -19.19 -9.95
C ALA C 55 8.54 -18.83 -11.40
N ASP C 56 8.47 -19.85 -12.26
CA ASP C 56 8.16 -19.63 -13.66
C ASP C 56 6.73 -19.17 -13.86
N TRP C 57 5.84 -19.50 -12.93
CA TRP C 57 4.44 -19.11 -13.06
C TRP C 57 4.09 -17.72 -12.55
N GLY C 58 5.06 -17.00 -12.00
CA GLY C 58 4.77 -15.66 -11.52
C GLY C 58 5.06 -15.39 -10.05
N GLY C 59 4.98 -16.43 -9.23
CA GLY C 59 5.25 -16.26 -7.81
C GLY C 59 6.61 -15.65 -7.55
N VAL C 60 6.68 -14.80 -6.53
CA VAL C 60 7.94 -14.14 -6.17
C VAL C 60 8.07 -13.87 -4.68
N LEU C 61 9.29 -14.02 -4.17
CA LEU C 61 9.61 -13.78 -2.76
C LEU C 61 10.59 -12.62 -2.63
N ASP C 62 10.48 -11.88 -1.54
CA ASP C 62 11.36 -10.75 -1.24
C ASP C 62 12.25 -11.21 -0.11
N CYS C 63 13.55 -11.14 -0.31
CA CYS C 63 14.51 -11.60 0.68
C CYS C 63 15.66 -10.64 0.94
N GLU C 64 16.41 -10.92 2.00
CA GLU C 64 17.58 -10.14 2.37
C GLU C 64 18.51 -11.00 3.19
N VAL C 65 19.78 -11.08 2.79
CA VAL C 65 20.73 -11.88 3.53
C VAL C 65 20.98 -11.30 4.91
N LEU C 66 20.80 -12.12 5.93
CA LEU C 66 20.98 -11.69 7.31
C LEU C 66 22.33 -12.08 7.91
N ALA C 67 22.76 -13.31 7.67
CA ALA C 67 24.02 -13.78 8.21
C ALA C 67 24.73 -14.68 7.22
N VAL C 68 26.06 -14.60 7.22
CA VAL C 68 26.89 -15.39 6.32
C VAL C 68 28.17 -15.80 7.02
N GLU C 69 28.30 -17.10 7.28
CA GLU C 69 29.48 -17.64 7.92
C GLU C 69 29.89 -18.85 7.07
N PRO C 70 30.83 -18.62 6.13
CA PRO C 70 31.36 -19.63 5.20
C PRO C 70 31.35 -21.07 5.69
N ASN C 71 30.70 -21.93 4.90
CA ASN C 71 30.59 -23.35 5.20
C ASN C 71 29.90 -23.67 6.51
N LYS C 72 29.44 -22.66 7.25
CA LYS C 72 28.77 -22.91 8.54
C LYS C 72 27.32 -22.46 8.67
N THR C 73 27.06 -21.17 8.45
CA THR C 73 25.71 -20.65 8.57
C THR C 73 25.33 -19.67 7.46
N LEU C 74 24.06 -19.71 7.06
CA LEU C 74 23.53 -18.84 6.02
C LEU C 74 22.07 -18.52 6.40
N SER C 75 21.72 -17.24 6.45
CA SER C 75 20.37 -16.86 6.82
C SER C 75 19.87 -15.67 6.00
N TYR C 76 18.59 -15.67 5.68
CA TYR C 76 18.00 -14.57 4.94
C TYR C 76 16.50 -14.58 5.11
N THR C 77 15.88 -13.44 4.89
CA THR C 77 14.43 -13.30 5.00
C THR C 77 13.78 -14.04 3.84
N TRP C 78 12.48 -14.28 3.98
CA TRP C 78 11.72 -15.03 3.00
C TRP C 78 10.31 -14.49 3.20
N ASN C 79 9.98 -13.41 2.49
CA ASN C 79 8.67 -12.77 2.66
C ASN C 79 7.82 -12.68 1.40
N LEU C 80 6.52 -12.61 1.61
CA LEU C 80 5.56 -12.48 0.53
C LEU C 80 4.49 -11.50 1.01
N ALA C 81 4.39 -10.35 0.36
CA ALA C 81 3.41 -9.34 0.75
C ALA C 81 2.06 -9.62 0.09
N HIS C 82 0.99 -9.63 0.89
CA HIS C 82 -0.34 -9.90 0.37
C HIS C 82 -1.41 -9.30 1.29
N GLN C 83 -2.48 -8.77 0.69
CA GLN C 83 -3.57 -8.17 1.45
C GLN C 83 -4.19 -9.15 2.44
N ASP C 84 -4.18 -10.43 2.08
CA ASP C 84 -4.74 -11.48 2.93
C ASP C 84 -3.70 -11.85 3.99
N PRO C 85 -4.02 -11.65 5.28
CA PRO C 85 -3.09 -11.98 6.37
C PRO C 85 -2.64 -13.43 6.34
N ALA C 86 -3.49 -14.31 5.81
CA ALA C 86 -3.15 -15.73 5.75
C ALA C 86 -2.01 -15.99 4.76
N PHE C 87 -1.88 -15.11 3.76
CA PHE C 87 -0.84 -15.22 2.73
C PHE C 87 0.30 -14.23 2.91
N ASP C 88 0.10 -13.21 3.75
CA ASP C 88 1.11 -12.19 4.01
C ASP C 88 2.20 -12.81 4.88
N LEU C 89 3.18 -13.41 4.22
CA LEU C 89 4.27 -14.12 4.91
C LEU C 89 5.52 -13.33 5.26
N ARG C 90 5.99 -13.52 6.48
CA ARG C 90 7.23 -12.92 6.92
C ARG C 90 7.96 -13.98 7.73
N SER C 91 9.02 -14.51 7.14
CA SER C 91 9.79 -15.54 7.80
C SER C 91 11.30 -15.39 7.60
N VAL C 92 12.03 -16.21 8.34
CA VAL C 92 13.48 -16.23 8.28
C VAL C 92 13.90 -17.66 7.98
N VAL C 93 14.77 -17.82 6.98
CA VAL C 93 15.28 -19.12 6.59
C VAL C 93 16.74 -19.20 7.02
N THR C 94 17.09 -20.23 7.78
CA THR C 94 18.46 -20.36 8.25
C THR C 94 19.00 -21.77 8.02
N PHE C 95 20.13 -21.84 7.32
CA PHE C 95 20.80 -23.09 7.00
C PHE C 95 21.99 -23.26 7.95
N THR C 96 22.07 -24.43 8.60
CA THR C 96 23.17 -24.74 9.52
C THR C 96 23.88 -25.99 9.00
N LEU C 97 25.16 -25.83 8.64
CA LEU C 97 25.98 -26.93 8.14
C LEU C 97 26.89 -27.45 9.25
N THR C 98 26.78 -28.74 9.55
CA THR C 98 27.59 -29.38 10.60
C THR C 98 28.41 -30.51 10.00
N PRO C 99 29.73 -30.35 9.91
CA PRO C 99 30.61 -31.37 9.35
C PRO C 99 30.50 -32.71 10.08
N THR C 100 30.54 -33.80 9.32
CA THR C 100 30.50 -35.13 9.91
C THR C 100 31.54 -35.94 9.14
N PRO C 101 31.88 -37.14 9.64
CA PRO C 101 32.86 -38.02 9.00
C PRO C 101 32.57 -38.35 7.54
N THR C 102 31.31 -38.59 7.20
CA THR C 102 30.94 -38.94 5.83
C THR C 102 30.46 -37.77 4.98
N GLY C 103 30.34 -36.59 5.57
CA GLY C 103 29.88 -35.46 4.79
C GLY C 103 29.48 -34.24 5.61
N THR C 104 28.22 -33.86 5.52
CA THR C 104 27.72 -32.69 6.23
C THR C 104 26.27 -32.89 6.63
N HIS C 105 25.92 -32.46 7.83
CA HIS C 105 24.55 -32.55 8.30
C HIS C 105 23.97 -31.17 8.04
N LEU C 106 22.83 -31.12 7.34
CA LEU C 106 22.20 -29.84 7.04
C LEU C 106 20.87 -29.68 7.74
N ARG C 107 20.71 -28.55 8.41
CA ARG C 107 19.48 -28.20 9.09
C ARG C 107 18.95 -26.92 8.46
N MSE C 108 17.65 -26.93 8.16
CA MSE C 108 16.99 -25.77 7.59
C MSE C 108 15.91 -25.41 8.60
O MSE C 108 15.08 -26.25 8.95
CB MSE C 108 16.33 -26.12 6.24
CG MSE C 108 15.76 -24.93 5.44
SE MSE C 108 14.26 -23.98 6.26
CE MSE C 108 13.08 -25.47 6.67
N GLU C 109 15.97 -24.18 9.08
CA GLU C 109 15.02 -23.68 10.04
C GLU C 109 14.36 -22.45 9.44
N GLN C 110 13.03 -22.50 9.35
CA GLN C 110 12.25 -21.39 8.82
C GLN C 110 11.22 -21.02 9.87
N SER C 111 11.35 -19.83 10.44
CA SER C 111 10.42 -19.40 11.47
C SER C 111 9.72 -18.10 11.13
N GLY C 112 8.60 -17.84 11.79
CA GLY C 112 7.84 -16.62 11.53
C GLY C 112 6.42 -16.89 11.08
N PHE C 113 6.06 -18.17 11.03
CA PHE C 113 4.72 -18.55 10.60
C PHE C 113 3.67 -18.21 11.66
N ARG C 114 2.61 -17.54 11.22
CA ARG C 114 1.51 -17.17 12.12
C ARG C 114 0.46 -18.27 12.12
N PRO C 115 -0.35 -18.35 13.19
CA PRO C 115 -1.38 -19.38 13.29
C PRO C 115 -2.46 -19.28 12.21
N ASP C 116 -2.52 -18.12 11.54
CA ASP C 116 -3.49 -17.91 10.48
C ASP C 116 -2.88 -18.29 9.13
N GLN C 117 -1.69 -18.87 9.16
CA GLN C 117 -0.98 -19.26 7.93
C GLN C 117 -0.62 -20.74 7.91
N ARG C 118 -1.62 -21.59 8.12
CA ARG C 118 -1.41 -23.04 8.12
C ARG C 118 -0.99 -23.54 6.74
N ARG C 119 -1.49 -22.93 5.67
CA ARG C 119 -1.12 -23.36 4.33
C ARG C 119 0.37 -23.17 4.07
N ALA C 120 0.92 -22.07 4.59
CA ALA C 120 2.35 -21.74 4.45
C ALA C 120 3.20 -22.68 5.30
N TYR C 121 2.77 -22.88 6.54
CA TYR C 121 3.47 -23.75 7.49
C TYR C 121 3.53 -25.18 6.95
N GLY C 122 2.39 -25.69 6.49
CA GLY C 122 2.35 -27.03 5.94
C GLY C 122 3.11 -27.13 4.63
N GLY C 123 3.02 -26.09 3.81
CA GLY C 123 3.72 -26.10 2.54
C GLY C 123 5.22 -26.19 2.75
N ALA C 124 5.71 -25.52 3.77
CA ALA C 124 7.15 -25.56 4.06
C ALA C 124 7.60 -26.95 4.49
N LYS C 125 6.86 -27.59 5.40
CA LYS C 125 7.26 -28.91 5.87
C LYS C 125 7.26 -29.92 4.74
N MSE C 126 6.42 -29.71 3.73
CA MSE C 126 6.40 -30.66 2.63
C MSE C 126 7.24 -30.22 1.44
O MSE C 126 7.79 -31.05 0.73
CB MSE C 126 4.96 -30.94 2.19
CG MSE C 126 4.19 -29.74 1.71
SE MSE C 126 2.39 -30.29 1.28
CE MSE C 126 1.50 -29.74 2.91
N GLY C 127 7.37 -28.91 1.25
CA GLY C 127 8.17 -28.39 0.15
C GLY C 127 9.67 -28.50 0.30
N TRP C 128 10.20 -28.07 1.45
CA TRP C 128 11.63 -28.14 1.69
C TRP C 128 12.21 -29.54 1.43
N PRO C 129 11.50 -30.61 1.87
CA PRO C 129 12.01 -31.96 1.64
C PRO C 129 12.25 -32.17 0.15
N GLN C 130 11.36 -31.63 -0.67
CA GLN C 130 11.46 -31.74 -2.11
C GLN C 130 12.67 -30.95 -2.63
N PHE C 131 12.80 -29.71 -2.18
CA PHE C 131 13.94 -28.89 -2.61
C PHE C 131 15.25 -29.61 -2.27
N PHE C 132 15.33 -30.18 -1.07
CA PHE C 132 16.55 -30.87 -0.68
C PHE C 132 16.82 -32.14 -1.50
N GLU C 133 15.77 -32.75 -2.03
CA GLU C 133 15.93 -33.93 -2.86
C GLU C 133 16.67 -33.50 -4.14
N LYS C 134 16.25 -32.39 -4.72
CA LYS C 134 16.90 -31.88 -5.92
C LYS C 134 18.29 -31.38 -5.58
N LEU C 135 18.45 -30.88 -4.37
CA LEU C 135 19.75 -30.38 -3.93
C LEU C 135 20.73 -31.55 -3.86
N GLU C 136 20.29 -32.67 -3.28
CA GLU C 136 21.14 -33.85 -3.17
C GLU C 136 21.42 -34.44 -4.54
N GLN C 137 20.44 -34.35 -5.45
CA GLN C 137 20.59 -34.87 -6.80
C GLN C 137 21.71 -34.09 -7.48
N LEU C 138 21.63 -32.77 -7.37
CA LEU C 138 22.64 -31.89 -7.96
C LEU C 138 24.03 -32.22 -7.43
N LEU C 139 24.12 -32.48 -6.12
CA LEU C 139 25.42 -32.81 -5.53
C LEU C 139 25.93 -34.17 -5.98
N ASP C 140 25.07 -35.20 -5.86
CA ASP C 140 25.45 -36.56 -6.24
C ASP C 140 25.94 -36.75 -7.67
N ARG C 141 25.52 -35.89 -8.59
CA ARG C 141 25.97 -36.02 -9.97
C ARG C 141 27.41 -35.59 -10.17
N THR C 142 28.06 -35.17 -9.09
CA THR C 142 29.46 -34.74 -9.16
C THR C 142 30.39 -35.90 -8.79
N ASP C 143 29.83 -36.98 -8.26
CA ASP C 143 30.63 -38.14 -7.88
C ASP C 143 30.92 -39.01 -9.10
N LEU C 144 32.08 -39.67 -9.10
CA LEU C 144 32.44 -40.54 -10.21
C LEU C 144 31.46 -41.70 -10.27
N ARG D 9 2.11 -8.78 -25.12
CA ARG D 9 2.79 -10.10 -25.19
C ARG D 9 1.86 -11.18 -24.63
N THR D 10 1.73 -12.28 -25.37
CA THR D 10 0.86 -13.36 -24.93
C THR D 10 1.55 -14.70 -25.14
N VAL D 11 1.27 -15.64 -24.25
CA VAL D 11 1.83 -16.96 -24.34
C VAL D 11 0.71 -17.92 -24.74
N VAL D 12 0.99 -18.73 -25.75
CA VAL D 12 0.03 -19.71 -26.25
C VAL D 12 0.66 -21.08 -26.29
N VAL D 13 -0.02 -22.05 -25.69
CA VAL D 13 0.45 -23.43 -25.68
C VAL D 13 -0.69 -24.34 -26.16
N GLU D 14 -0.39 -25.30 -27.01
CA GLU D 14 -1.41 -26.20 -27.50
C GLU D 14 -0.98 -27.65 -27.34
N ARG D 15 -1.95 -28.50 -27.08
CA ARG D 15 -1.69 -29.91 -26.90
C ARG D 15 -2.85 -30.73 -27.46
N GLN D 16 -2.54 -31.90 -28.00
CA GLN D 16 -3.57 -32.80 -28.50
C GLN D 16 -3.64 -33.85 -27.40
N ILE D 17 -4.82 -34.00 -26.80
CA ILE D 17 -5.00 -34.93 -25.70
C ILE D 17 -5.93 -36.08 -26.09
N SER D 18 -5.45 -37.31 -25.89
CA SER D 18 -6.20 -38.50 -26.23
C SER D 18 -7.30 -38.84 -25.24
N HIS D 19 -8.04 -37.82 -24.83
CA HIS D 19 -9.12 -37.98 -23.89
C HIS D 19 -10.30 -37.13 -24.29
N PRO D 20 -11.51 -37.57 -23.95
CA PRO D 20 -12.73 -36.82 -24.29
C PRO D 20 -12.83 -35.45 -23.60
N PRO D 21 -13.49 -34.47 -24.24
CA PRO D 21 -13.65 -33.12 -23.69
C PRO D 21 -14.15 -33.09 -22.25
N GLU D 22 -15.15 -33.92 -21.96
CA GLU D 22 -15.73 -33.98 -20.62
C GLU D 22 -14.72 -34.35 -19.55
N LYS D 23 -13.81 -35.26 -19.87
CA LYS D 23 -12.81 -35.69 -18.89
C LYS D 23 -11.78 -34.58 -18.67
N LEU D 24 -11.32 -33.99 -19.76
CA LEU D 24 -10.33 -32.91 -19.65
C LEU D 24 -10.96 -31.77 -18.86
N TRP D 25 -12.23 -31.46 -19.14
CA TRP D 25 -12.92 -30.37 -18.46
C TRP D 25 -12.94 -30.56 -16.94
N ARG D 26 -13.17 -31.79 -16.49
CA ARG D 26 -13.20 -32.11 -15.07
C ARG D 26 -11.84 -31.85 -14.43
N ALA D 27 -10.78 -32.26 -15.10
CA ALA D 27 -9.44 -32.05 -14.54
C ALA D 27 -9.11 -30.55 -14.48
N LEU D 28 -9.77 -29.75 -15.32
CA LEU D 28 -9.52 -28.30 -15.35
C LEU D 28 -10.42 -27.46 -14.44
N THR D 29 -11.49 -28.06 -13.92
CA THR D 29 -12.44 -27.35 -13.09
C THR D 29 -12.67 -27.91 -11.68
N GLN D 30 -12.07 -29.06 -11.40
CA GLN D 30 -12.21 -29.68 -10.08
C GLN D 30 -10.97 -29.32 -9.27
N PRO D 31 -11.17 -28.62 -8.14
CA PRO D 31 -10.10 -28.18 -7.24
C PRO D 31 -9.06 -29.26 -6.94
N HIS D 32 -9.50 -30.37 -6.34
CA HIS D 32 -8.60 -31.45 -6.00
C HIS D 32 -7.84 -32.00 -7.21
N LEU D 33 -8.45 -31.91 -8.38
CA LEU D 33 -7.82 -32.38 -9.62
C LEU D 33 -6.84 -31.34 -10.15
N ILE D 34 -7.23 -30.06 -10.11
CA ILE D 34 -6.35 -29.01 -10.58
C ILE D 34 -5.06 -29.06 -9.76
N GLU D 35 -5.18 -29.29 -8.46
CA GLU D 35 -4.02 -29.37 -7.58
C GLU D 35 -3.02 -30.44 -8.01
N GLU D 36 -3.52 -31.48 -8.70
CA GLU D 36 -2.69 -32.58 -9.16
C GLU D 36 -1.69 -32.20 -10.25
N TRP D 37 -2.10 -31.35 -11.18
CA TRP D 37 -1.21 -30.96 -12.26
C TRP D 37 -0.73 -29.51 -12.17
N LEU D 38 -1.39 -28.72 -11.33
CA LEU D 38 -1.01 -27.32 -11.15
C LEU D 38 -0.56 -27.15 -9.69
N MSE D 39 -1.45 -26.64 -8.84
CA MSE D 39 -1.13 -26.48 -7.43
C MSE D 39 -2.39 -26.20 -6.61
O MSE D 39 -3.48 -26.09 -7.17
CB MSE D 39 -0.05 -25.41 -7.21
CG MSE D 39 -0.33 -24.06 -7.84
SE MSE D 39 1.17 -22.80 -7.68
CE MSE D 39 1.84 -22.90 -9.49
N LYS D 40 -2.23 -26.09 -5.29
CA LYS D 40 -3.35 -25.84 -4.37
C LYS D 40 -4.21 -24.66 -4.83
N ASN D 41 -5.53 -24.81 -4.74
CA ASN D 41 -6.44 -23.76 -5.18
C ASN D 41 -7.83 -23.91 -4.60
N ASP D 42 -8.62 -22.84 -4.69
CA ASP D 42 -10.00 -22.89 -4.22
C ASP D 42 -10.89 -22.41 -5.37
N PHE D 43 -10.60 -23.00 -6.53
CA PHE D 43 -11.31 -22.73 -7.77
C PHE D 43 -12.73 -23.30 -7.76
N LYS D 44 -13.62 -22.61 -8.46
CA LYS D 44 -15.03 -22.99 -8.61
C LYS D 44 -15.47 -22.57 -10.01
N PRO D 45 -16.15 -23.45 -10.75
CA PRO D 45 -16.63 -23.17 -12.11
C PRO D 45 -17.80 -22.19 -12.13
N ALA D 46 -17.62 -21.02 -11.53
CA ALA D 46 -18.68 -20.02 -11.49
C ALA D 46 -18.13 -18.66 -11.90
N VAL D 47 -18.74 -18.03 -12.90
CA VAL D 47 -18.29 -16.73 -13.36
C VAL D 47 -18.37 -15.76 -12.19
N GLY D 48 -17.31 -15.00 -11.98
CA GLY D 48 -17.28 -14.02 -10.89
C GLY D 48 -16.64 -14.52 -9.61
N HIS D 49 -16.40 -15.83 -9.53
CA HIS D 49 -15.79 -16.41 -8.34
C HIS D 49 -14.32 -16.02 -8.18
N ARG D 50 -13.99 -15.49 -6.99
CA ARG D 50 -12.64 -15.07 -6.69
C ARG D 50 -11.99 -16.18 -5.88
N PHE D 51 -10.76 -16.52 -6.26
CA PHE D 51 -10.05 -17.59 -5.57
C PHE D 51 -8.55 -17.36 -5.70
N ASN D 52 -7.78 -18.24 -5.06
CA ASN D 52 -6.32 -18.16 -5.09
C ASN D 52 -5.72 -19.47 -5.54
N ILE D 53 -4.51 -19.37 -6.04
CA ILE D 53 -3.75 -20.54 -6.46
C ILE D 53 -2.47 -20.29 -5.67
N SER D 54 -2.03 -21.28 -4.91
CA SER D 54 -0.86 -21.11 -4.07
C SER D 54 0.13 -22.26 -4.12
N ALA D 55 1.40 -21.96 -3.84
CA ALA D 55 2.44 -22.99 -3.84
C ALA D 55 2.88 -23.32 -2.42
N ASP D 56 3.51 -24.48 -2.22
CA ASP D 56 3.95 -24.87 -0.89
C ASP D 56 4.99 -23.94 -0.29
N TRP D 57 5.72 -23.22 -1.13
CA TRP D 57 6.75 -22.32 -0.62
C TRP D 57 6.29 -20.92 -0.25
N GLY D 58 5.00 -20.64 -0.42
CA GLY D 58 4.51 -19.33 -0.07
C GLY D 58 3.89 -18.53 -1.20
N GLY D 59 4.40 -18.71 -2.42
CA GLY D 59 3.87 -17.98 -3.57
C GLY D 59 2.37 -18.12 -3.74
N VAL D 60 1.72 -17.07 -4.20
CA VAL D 60 0.28 -17.10 -4.41
C VAL D 60 -0.26 -16.14 -5.45
N LEU D 61 -1.23 -16.62 -6.23
CA LEU D 61 -1.89 -15.83 -7.28
C LEU D 61 -3.31 -15.48 -6.86
N ASP D 62 -3.80 -14.36 -7.37
CA ASP D 62 -5.16 -13.90 -7.10
C ASP D 62 -5.90 -13.98 -8.42
N CYS D 63 -6.99 -14.73 -8.44
CA CYS D 63 -7.75 -14.97 -9.65
C CYS D 63 -9.26 -14.80 -9.52
N GLU D 64 -9.89 -14.59 -10.66
CA GLU D 64 -11.34 -14.47 -10.72
C GLU D 64 -11.78 -15.17 -11.99
N VAL D 65 -12.82 -16.00 -11.90
CA VAL D 65 -13.33 -16.71 -13.05
C VAL D 65 -14.07 -15.71 -13.94
N LEU D 66 -13.65 -15.61 -15.19
CA LEU D 66 -14.23 -14.68 -16.14
C LEU D 66 -15.27 -15.30 -17.05
N ALA D 67 -15.03 -16.53 -17.49
CA ALA D 67 -15.94 -17.24 -18.37
C ALA D 67 -15.92 -18.75 -18.17
N VAL D 68 -17.09 -19.35 -18.26
CA VAL D 68 -17.25 -20.79 -18.11
C VAL D 68 -18.26 -21.31 -19.13
N GLU D 69 -17.77 -22.06 -20.11
CA GLU D 69 -18.61 -22.64 -21.15
C GLU D 69 -18.25 -24.13 -21.16
N PRO D 70 -18.99 -24.94 -20.39
CA PRO D 70 -18.79 -26.39 -20.24
C PRO D 70 -18.22 -27.14 -21.45
N ASN D 71 -17.10 -27.82 -21.21
CA ASN D 71 -16.43 -28.62 -22.22
C ASN D 71 -15.90 -27.83 -23.42
N LYS D 72 -15.94 -26.50 -23.32
CA LYS D 72 -15.47 -25.67 -24.43
C LYS D 72 -14.49 -24.57 -24.06
N THR D 73 -14.90 -23.69 -23.14
CA THR D 73 -14.06 -22.57 -22.74
C THR D 73 -14.01 -22.32 -21.24
N LEU D 74 -12.82 -21.98 -20.75
CA LEU D 74 -12.62 -21.65 -19.34
C LEU D 74 -11.61 -20.52 -19.26
N SER D 75 -11.98 -19.44 -18.58
CA SER D 75 -11.09 -18.30 -18.46
C SER D 75 -11.12 -17.65 -17.08
N TYR D 76 -9.97 -17.27 -16.58
CA TYR D 76 -9.85 -16.58 -15.29
C TYR D 76 -8.60 -15.72 -15.24
N THR D 77 -8.62 -14.70 -14.38
CA THR D 77 -7.47 -13.83 -14.23
C THR D 77 -6.38 -14.59 -13.50
N TRP D 78 -5.16 -14.12 -13.65
CA TRP D 78 -3.98 -14.74 -13.07
C TRP D 78 -3.06 -13.59 -12.71
N ASN D 79 -3.25 -13.05 -11.50
CA ASN D 79 -2.49 -11.91 -11.04
C ASN D 79 -1.69 -12.11 -9.76
N LEU D 80 -0.74 -11.20 -9.55
CA LEU D 80 0.11 -11.16 -8.39
C LEU D 80 0.53 -9.70 -8.23
N ALA D 81 0.17 -9.10 -7.09
CA ALA D 81 0.50 -7.71 -6.79
C ALA D 81 1.89 -7.58 -6.22
N HIS D 82 2.69 -6.66 -6.76
CA HIS D 82 4.05 -6.48 -6.27
C HIS D 82 4.51 -5.07 -6.56
N GLN D 83 5.27 -4.49 -5.62
CA GLN D 83 5.77 -3.12 -5.77
C GLN D 83 6.65 -2.98 -7.00
N ASP D 84 7.42 -4.02 -7.31
CA ASP D 84 8.30 -4.01 -8.48
C ASP D 84 7.48 -4.26 -9.73
N PRO D 85 7.42 -3.26 -10.65
CA PRO D 85 6.63 -3.43 -11.88
C PRO D 85 7.00 -4.68 -12.68
N ALA D 86 8.24 -5.15 -12.51
CA ALA D 86 8.69 -6.34 -13.21
C ALA D 86 7.96 -7.59 -12.71
N PHE D 87 7.54 -7.57 -11.45
CA PHE D 87 6.84 -8.71 -10.85
C PHE D 87 5.33 -8.49 -10.71
N ASP D 88 4.90 -7.25 -10.85
CA ASP D 88 3.48 -6.92 -10.74
C ASP D 88 2.75 -7.51 -11.93
N LEU D 89 2.23 -8.72 -11.78
CA LEU D 89 1.56 -9.42 -12.87
C LEU D 89 0.04 -9.33 -12.94
N ARG D 90 -0.46 -8.94 -14.11
CA ARG D 90 -1.89 -8.87 -14.35
C ARG D 90 -2.10 -9.58 -15.66
N SER D 91 -2.64 -10.80 -15.60
CA SER D 91 -2.86 -11.56 -16.83
C SER D 91 -4.19 -12.29 -16.87
N VAL D 92 -4.50 -12.83 -18.04
CA VAL D 92 -5.73 -13.59 -18.25
C VAL D 92 -5.34 -14.95 -18.83
N VAL D 93 -5.90 -16.02 -18.28
CA VAL D 93 -5.64 -17.38 -18.74
C VAL D 93 -6.92 -17.96 -19.33
N THR D 94 -6.84 -18.42 -20.57
CA THR D 94 -8.01 -18.95 -21.25
C THR D 94 -7.76 -20.30 -21.89
N PHE D 95 -8.59 -21.25 -21.49
CA PHE D 95 -8.51 -22.61 -22.00
C PHE D 95 -9.60 -22.81 -23.05
N THR D 96 -9.20 -23.29 -24.22
CA THR D 96 -10.16 -23.54 -25.28
C THR D 96 -10.05 -25.01 -25.66
N LEU D 97 -11.15 -25.74 -25.48
CA LEU D 97 -11.19 -27.16 -25.79
C LEU D 97 -11.90 -27.38 -27.12
N THR D 98 -11.24 -28.12 -28.01
CA THR D 98 -11.81 -28.41 -29.31
C THR D 98 -11.86 -29.92 -29.50
N PRO D 99 -13.06 -30.50 -29.51
CA PRO D 99 -13.25 -31.93 -29.68
C PRO D 99 -12.63 -32.44 -30.97
N THR D 100 -11.99 -33.60 -30.91
CA THR D 100 -11.39 -34.19 -32.10
C THR D 100 -11.71 -35.67 -32.11
N PRO D 101 -11.48 -36.35 -33.25
CA PRO D 101 -11.76 -37.78 -33.36
C PRO D 101 -11.11 -38.63 -32.27
N THR D 102 -9.85 -38.34 -31.96
CA THR D 102 -9.12 -39.12 -30.95
C THR D 102 -9.20 -38.54 -29.54
N GLY D 103 -9.71 -37.33 -29.40
CA GLY D 103 -9.79 -36.76 -28.07
C GLY D 103 -10.16 -35.30 -28.04
N THR D 104 -9.27 -34.47 -27.49
CA THR D 104 -9.52 -33.05 -27.38
C THR D 104 -8.27 -32.24 -27.64
N HIS D 105 -8.43 -31.19 -28.45
CA HIS D 105 -7.32 -30.29 -28.73
C HIS D 105 -7.43 -29.19 -27.68
N LEU D 106 -6.36 -28.98 -26.91
CA LEU D 106 -6.36 -27.96 -25.87
C LEU D 106 -5.44 -26.80 -26.19
N ARG D 107 -5.95 -25.59 -26.06
CA ARG D 107 -5.17 -24.39 -26.32
C ARG D 107 -5.22 -23.53 -25.07
N MSE D 108 -4.06 -23.07 -24.62
CA MSE D 108 -3.99 -22.21 -23.45
C MSE D 108 -3.37 -20.93 -23.95
O MSE D 108 -2.31 -20.93 -24.58
CB MSE D 108 -3.09 -22.85 -22.37
CG MSE D 108 -3.11 -22.15 -20.98
SE MSE D 108 -2.34 -20.35 -20.93
CE MSE D 108 -0.61 -20.75 -21.74
N GLU D 109 -4.05 -19.83 -23.69
CA GLU D 109 -3.55 -18.52 -24.08
C GLU D 109 -3.53 -17.64 -22.84
N GLN D 110 -2.35 -17.16 -22.46
CA GLN D 110 -2.20 -16.27 -21.31
C GLN D 110 -1.78 -14.91 -21.84
N SER D 111 -2.63 -13.91 -21.60
CA SER D 111 -2.39 -12.53 -22.07
C SER D 111 -2.13 -11.53 -20.94
N GLY D 112 -1.46 -10.43 -21.27
CA GLY D 112 -1.21 -9.40 -20.26
C GLY D 112 0.23 -9.12 -19.88
N PHE D 113 1.16 -9.89 -20.43
CA PHE D 113 2.57 -9.71 -20.14
C PHE D 113 3.06 -8.36 -20.67
N ARG D 114 3.81 -7.62 -19.86
CA ARG D 114 4.34 -6.34 -20.28
C ARG D 114 5.80 -6.53 -20.67
N PRO D 115 6.36 -5.61 -21.47
CA PRO D 115 7.75 -5.69 -21.91
C PRO D 115 8.81 -5.80 -20.81
N ASP D 116 8.52 -5.30 -19.61
CA ASP D 116 9.48 -5.39 -18.52
C ASP D 116 9.28 -6.70 -17.74
N GLN D 117 8.41 -7.56 -18.23
CA GLN D 117 8.14 -8.82 -17.55
C GLN D 117 8.65 -9.99 -18.36
N ARG D 118 9.89 -9.87 -18.82
CA ARG D 118 10.53 -10.92 -19.61
C ARG D 118 10.55 -12.21 -18.79
N ARG D 119 10.79 -12.06 -17.48
CA ARG D 119 10.83 -13.21 -16.56
C ARG D 119 9.53 -14.02 -16.56
N ALA D 120 8.41 -13.34 -16.34
CA ALA D 120 7.10 -13.99 -16.31
C ALA D 120 6.76 -14.60 -17.66
N TYR D 121 7.01 -13.85 -18.73
CA TYR D 121 6.75 -14.28 -20.10
C TYR D 121 7.51 -15.59 -20.41
N GLY D 122 8.76 -15.63 -19.98
CA GLY D 122 9.60 -16.79 -20.22
C GLY D 122 9.17 -17.97 -19.34
N GLY D 123 8.89 -17.68 -18.08
CA GLY D 123 8.47 -18.73 -17.16
C GLY D 123 7.17 -19.39 -17.62
N ALA D 124 6.28 -18.60 -18.22
CA ALA D 124 5.01 -19.12 -18.69
C ALA D 124 5.20 -20.08 -19.86
N LYS D 125 6.01 -19.67 -20.82
CA LYS D 125 6.28 -20.50 -22.00
C LYS D 125 6.98 -21.80 -21.63
N MSE D 126 7.73 -21.78 -20.54
CA MSE D 126 8.46 -22.96 -20.10
C MSE D 126 7.70 -23.74 -19.02
O MSE D 126 7.91 -24.94 -18.85
CB MSE D 126 9.84 -22.54 -19.59
CG MSE D 126 11.01 -23.26 -20.26
SE MSE D 126 11.69 -24.72 -19.19
CE MSE D 126 12.76 -23.69 -17.94
N GLY D 127 6.82 -23.04 -18.30
CA GLY D 127 6.06 -23.68 -17.24
C GLY D 127 4.76 -24.36 -17.66
N TRP D 128 4.05 -23.78 -18.61
CA TRP D 128 2.79 -24.37 -19.05
C TRP D 128 2.98 -25.75 -19.69
N PRO D 129 4.06 -25.94 -20.47
CA PRO D 129 4.27 -27.25 -21.07
C PRO D 129 4.41 -28.29 -19.95
N GLN D 130 5.10 -27.93 -18.88
CA GLN D 130 5.28 -28.84 -17.75
C GLN D 130 3.96 -29.10 -17.02
N PHE D 131 3.12 -28.07 -16.90
CA PHE D 131 1.84 -28.24 -16.23
C PHE D 131 1.00 -29.23 -17.03
N PHE D 132 0.94 -29.03 -18.34
CA PHE D 132 0.16 -29.91 -19.19
C PHE D 132 0.74 -31.33 -19.23
N GLU D 133 2.02 -31.45 -18.92
CA GLU D 133 2.66 -32.77 -18.90
C GLU D 133 2.03 -33.54 -17.74
N LYS D 134 1.87 -32.86 -16.59
CA LYS D 134 1.26 -33.48 -15.43
C LYS D 134 -0.23 -33.67 -15.65
N LEU D 135 -0.86 -32.78 -16.42
CA LEU D 135 -2.29 -32.90 -16.69
C LEU D 135 -2.56 -34.15 -17.53
N GLU D 136 -1.75 -34.33 -18.58
CA GLU D 136 -1.89 -35.48 -19.46
C GLU D 136 -1.58 -36.78 -18.69
N GLN D 137 -0.69 -36.68 -17.71
CA GLN D 137 -0.32 -37.83 -16.89
C GLN D 137 -1.51 -38.20 -16.00
N LEU D 138 -2.13 -37.19 -15.40
CA LEU D 138 -3.29 -37.40 -14.55
C LEU D 138 -4.36 -38.13 -15.35
N LEU D 139 -4.66 -37.60 -16.53
CA LEU D 139 -5.67 -38.18 -17.41
C LEU D 139 -5.34 -39.59 -17.90
N ASP D 140 -4.11 -39.79 -18.35
CA ASP D 140 -3.68 -41.10 -18.85
C ASP D 140 -3.80 -42.21 -17.81
N ARG D 141 -3.71 -41.87 -16.53
CA ARG D 141 -3.81 -42.88 -15.50
C ARG D 141 -5.18 -43.54 -15.46
N THR D 142 -6.18 -42.89 -16.07
CA THR D 142 -7.52 -43.46 -16.08
C THR D 142 -7.71 -44.52 -17.16
N ASP D 143 -6.73 -44.67 -18.06
CA ASP D 143 -6.82 -45.67 -19.13
C ASP D 143 -6.61 -47.08 -18.57
N LEU D 144 -7.24 -48.08 -19.18
CA LEU D 144 -7.09 -49.46 -18.73
C LEU D 144 -5.66 -49.95 -18.84
N GLU E 7 -22.78 -14.59 -3.66
CA GLU E 7 -22.84 -13.60 -2.55
C GLU E 7 -22.72 -12.17 -3.09
N ASN E 8 -21.77 -11.96 -3.99
CA ASN E 8 -21.55 -10.65 -4.59
C ASN E 8 -22.76 -10.23 -5.41
N ARG E 9 -23.05 -8.94 -5.42
CA ARG E 9 -24.17 -8.43 -6.19
C ARG E 9 -23.66 -7.85 -7.50
N THR E 10 -24.52 -7.81 -8.50
CA THR E 10 -24.15 -7.28 -9.81
C THR E 10 -25.17 -6.26 -10.29
N VAL E 11 -24.67 -5.15 -10.83
CA VAL E 11 -25.54 -4.12 -11.36
C VAL E 11 -25.72 -4.42 -12.84
N VAL E 12 -26.97 -4.45 -13.29
CA VAL E 12 -27.26 -4.73 -14.68
C VAL E 12 -28.10 -3.62 -15.32
N VAL E 13 -27.70 -3.19 -16.50
CA VAL E 13 -28.43 -2.16 -17.22
C VAL E 13 -28.52 -2.58 -18.69
N GLU E 14 -29.71 -2.48 -19.26
CA GLU E 14 -29.93 -2.85 -20.65
C GLU E 14 -30.69 -1.74 -21.38
N ARG E 15 -30.36 -1.56 -22.65
CA ARG E 15 -31.02 -0.54 -23.44
C ARG E 15 -31.03 -0.98 -24.89
N GLN E 16 -32.12 -0.67 -25.59
CA GLN E 16 -32.20 -0.99 -27.01
C GLN E 16 -31.67 0.27 -27.67
N ILE E 17 -30.64 0.11 -28.51
CA ILE E 17 -30.01 1.25 -29.21
C ILE E 17 -30.37 1.19 -30.69
N SER E 18 -30.90 2.28 -31.23
CA SER E 18 -31.28 2.31 -32.64
C SER E 18 -30.12 2.60 -33.59
N HIS E 19 -29.00 1.92 -33.36
CA HIS E 19 -27.80 2.07 -34.18
C HIS E 19 -27.12 0.71 -34.38
N PRO E 20 -26.42 0.52 -35.50
CA PRO E 20 -25.75 -0.76 -35.78
C PRO E 20 -24.65 -1.06 -34.75
N PRO E 21 -24.43 -2.35 -34.44
CA PRO E 21 -23.42 -2.76 -33.47
C PRO E 21 -22.01 -2.21 -33.69
N GLU E 22 -21.65 -1.97 -34.95
CA GLU E 22 -20.34 -1.45 -35.29
C GLU E 22 -20.16 -0.02 -34.82
N LYS E 23 -21.23 0.76 -34.88
CA LYS E 23 -21.18 2.16 -34.43
C LYS E 23 -21.14 2.23 -32.91
N LEU E 24 -21.91 1.36 -32.26
CA LEU E 24 -21.93 1.31 -30.81
C LEU E 24 -20.56 0.83 -30.31
N TRP E 25 -19.99 -0.16 -30.99
CA TRP E 25 -18.70 -0.70 -30.59
C TRP E 25 -17.61 0.36 -30.58
N ARG E 26 -17.62 1.21 -31.61
CA ARG E 26 -16.63 2.28 -31.74
C ARG E 26 -16.75 3.28 -30.59
N ALA E 27 -17.98 3.60 -30.20
CA ALA E 27 -18.19 4.54 -29.10
C ALA E 27 -17.70 3.95 -27.79
N LEU E 28 -17.73 2.62 -27.68
CA LEU E 28 -17.30 1.94 -26.46
C LEU E 28 -15.80 1.64 -26.43
N THR E 29 -15.15 1.73 -27.59
CA THR E 29 -13.73 1.40 -27.70
C THR E 29 -12.79 2.53 -28.11
N GLN E 30 -13.33 3.64 -28.60
CA GLN E 30 -12.52 4.77 -29.01
C GLN E 30 -12.38 5.72 -27.82
N PRO E 31 -11.14 5.92 -27.35
CA PRO E 31 -10.81 6.80 -26.22
C PRO E 31 -11.46 8.18 -26.26
N HIS E 32 -11.35 8.87 -27.40
CA HIS E 32 -11.94 10.20 -27.51
C HIS E 32 -13.46 10.16 -27.48
N LEU E 33 -14.03 8.99 -27.78
CA LEU E 33 -15.47 8.81 -27.79
C LEU E 33 -15.97 8.42 -26.41
N ILE E 34 -15.22 7.54 -25.76
CA ILE E 34 -15.58 7.09 -24.41
C ILE E 34 -15.63 8.30 -23.48
N GLU E 35 -14.70 9.23 -23.66
CA GLU E 35 -14.66 10.43 -22.83
C GLU E 35 -15.91 11.29 -22.99
N GLU E 36 -16.62 11.12 -24.11
CA GLU E 36 -17.84 11.90 -24.36
C GLU E 36 -19.00 11.48 -23.47
N TRP E 37 -19.19 10.17 -23.28
CA TRP E 37 -20.28 9.68 -22.46
C TRP E 37 -19.85 9.20 -21.08
N LEU E 38 -18.59 8.83 -20.94
CA LEU E 38 -18.08 8.37 -19.65
C LEU E 38 -17.16 9.45 -19.07
N MSE E 39 -15.86 9.37 -19.38
CA MSE E 39 -14.88 10.35 -18.93
C MSE E 39 -13.48 10.05 -19.44
O MSE E 39 -13.27 9.07 -20.15
CB MSE E 39 -14.88 10.43 -17.40
CG MSE E 39 -14.47 9.16 -16.69
SE MSE E 39 -14.66 9.29 -14.74
CE MSE E 39 -16.58 9.19 -14.63
N LYS E 40 -12.54 10.92 -19.10
CA LYS E 40 -11.13 10.77 -19.49
C LYS E 40 -10.63 9.35 -19.28
N ASN E 41 -9.91 8.82 -20.25
CA ASN E 41 -9.40 7.46 -20.16
C ASN E 41 -8.28 7.23 -21.17
N ASP E 42 -7.57 6.13 -21.00
CA ASP E 42 -6.51 5.76 -21.94
C ASP E 42 -6.74 4.30 -22.32
N PHE E 43 -7.99 4.03 -22.69
CA PHE E 43 -8.46 2.69 -23.08
C PHE E 43 -7.89 2.22 -24.42
N LYS E 44 -7.72 0.90 -24.51
CA LYS E 44 -7.22 0.27 -25.71
C LYS E 44 -7.88 -1.12 -25.78
N PRO E 45 -8.48 -1.45 -26.93
CA PRO E 45 -9.17 -2.72 -27.19
C PRO E 45 -8.26 -3.93 -27.26
N ALA E 46 -7.42 -4.12 -26.25
CA ALA E 46 -6.50 -5.26 -26.23
C ALA E 46 -6.52 -5.98 -24.88
N VAL E 47 -6.66 -7.30 -24.90
CA VAL E 47 -6.69 -8.06 -23.65
C VAL E 47 -5.39 -7.86 -22.87
N GLY E 48 -5.50 -7.58 -21.58
CA GLY E 48 -4.32 -7.38 -20.75
C GLY E 48 -3.88 -5.94 -20.61
N HIS E 49 -4.43 -5.07 -21.45
CA HIS E 49 -4.08 -3.66 -21.41
C HIS E 49 -4.57 -3.00 -20.12
N ARG E 50 -3.69 -2.22 -19.50
CA ARG E 50 -4.03 -1.52 -18.26
C ARG E 50 -4.26 -0.05 -18.56
N PHE E 51 -5.30 0.53 -17.98
CA PHE E 51 -5.58 1.93 -18.21
C PHE E 51 -6.30 2.52 -17.01
N ASN E 52 -6.55 3.82 -17.06
CA ASN E 52 -7.25 4.49 -15.99
C ASN E 52 -8.47 5.24 -16.51
N ILE E 53 -9.40 5.51 -15.61
CA ILE E 53 -10.61 6.27 -15.89
C ILE E 53 -10.61 7.33 -14.79
N SER E 54 -10.59 8.60 -15.17
CA SER E 54 -10.54 9.66 -14.17
C SER E 54 -11.43 10.84 -14.47
N ALA E 55 -11.74 11.61 -13.42
CA ALA E 55 -12.59 12.78 -13.54
C ALA E 55 -11.76 14.04 -13.33
N ASP E 56 -12.28 15.17 -13.82
CA ASP E 56 -11.57 16.43 -13.70
C ASP E 56 -11.29 16.86 -12.27
N TRP E 57 -12.06 16.36 -11.32
CA TRP E 57 -11.86 16.72 -9.93
C TRP E 57 -10.89 15.79 -9.20
N GLY E 58 -10.33 14.81 -9.91
CA GLY E 58 -9.37 13.93 -9.27
C GLY E 58 -9.71 12.45 -9.17
N GLY E 59 -10.99 12.11 -9.01
CA GLY E 59 -11.36 10.71 -8.90
C GLY E 59 -10.75 9.88 -10.02
N VAL E 60 -10.25 8.68 -9.72
CA VAL E 60 -9.64 7.84 -10.75
C VAL E 60 -9.81 6.35 -10.46
N LEU E 61 -9.94 5.55 -11.51
CA LEU E 61 -10.09 4.10 -11.33
C LEU E 61 -8.93 3.39 -12.02
N ASP E 62 -8.64 2.19 -11.57
CA ASP E 62 -7.58 1.39 -12.18
C ASP E 62 -8.30 0.27 -12.90
N CYS E 63 -7.96 0.12 -14.19
CA CYS E 63 -8.62 -0.87 -15.02
C CYS E 63 -7.67 -1.70 -15.87
N GLU E 64 -8.17 -2.85 -16.28
CA GLU E 64 -7.44 -3.77 -17.13
C GLU E 64 -8.44 -4.47 -18.05
N VAL E 65 -8.14 -4.51 -19.34
CA VAL E 65 -9.03 -5.18 -20.29
C VAL E 65 -8.94 -6.68 -20.07
N LEU E 66 -10.08 -7.35 -19.98
CA LEU E 66 -10.12 -8.79 -19.74
C LEU E 66 -10.49 -9.59 -20.97
N ALA E 67 -11.46 -9.10 -21.71
CA ALA E 67 -11.92 -9.81 -22.89
C ALA E 67 -12.36 -8.82 -23.97
N VAL E 68 -12.10 -9.19 -25.22
CA VAL E 68 -12.47 -8.35 -26.35
C VAL E 68 -12.93 -9.20 -27.52
N GLU E 69 -14.19 -9.02 -27.91
CA GLU E 69 -14.76 -9.76 -29.03
C GLU E 69 -15.49 -8.73 -29.89
N PRO E 70 -14.79 -8.13 -30.86
CA PRO E 70 -15.27 -7.12 -31.79
C PRO E 70 -16.75 -7.14 -32.13
N ASN E 71 -17.43 -6.05 -31.74
CA ASN E 71 -18.86 -5.86 -31.97
C ASN E 71 -19.78 -6.79 -31.20
N LYS E 72 -19.22 -7.50 -30.22
CA LYS E 72 -20.01 -8.45 -29.44
C LYS E 72 -19.83 -8.32 -27.92
N THR E 73 -18.59 -8.43 -27.46
CA THR E 73 -18.33 -8.36 -26.03
C THR E 73 -17.07 -7.55 -25.69
N LEU E 74 -17.16 -6.79 -24.61
CA LEU E 74 -16.06 -5.98 -24.12
C LEU E 74 -16.12 -6.04 -22.60
N SER E 75 -15.02 -6.45 -22.00
CA SER E 75 -14.95 -6.60 -20.55
C SER E 75 -13.62 -6.12 -19.98
N TYR E 76 -13.71 -5.37 -18.89
CA TYR E 76 -12.52 -4.87 -18.20
C TYR E 76 -12.81 -4.63 -16.72
N THR E 77 -11.76 -4.64 -15.92
CA THR E 77 -11.89 -4.41 -14.48
C THR E 77 -12.16 -2.96 -14.18
N TRP E 78 -12.76 -2.73 -13.03
CA TRP E 78 -13.14 -1.41 -12.57
C TRP E 78 -12.81 -1.39 -11.08
N ASN E 79 -11.54 -1.13 -10.75
CA ASN E 79 -11.12 -1.16 -9.36
C ASN E 79 -10.62 0.16 -8.79
N LEU E 80 -10.57 0.19 -7.47
CA LEU E 80 -10.10 1.33 -6.71
C LEU E 80 -9.59 0.80 -5.38
N ALA E 81 -8.28 0.80 -5.21
CA ALA E 81 -7.65 0.33 -3.96
C ALA E 81 -7.82 1.41 -2.89
N HIS E 82 -8.46 1.07 -1.78
CA HIS E 82 -8.68 2.02 -0.69
C HIS E 82 -8.72 1.27 0.65
N GLN E 83 -8.25 1.92 1.72
CA GLN E 83 -8.24 1.26 3.02
C GLN E 83 -9.63 1.12 3.63
N ASP E 84 -10.57 1.93 3.15
CA ASP E 84 -11.94 1.87 3.65
C ASP E 84 -12.69 0.84 2.82
N PRO E 85 -13.12 -0.27 3.43
CA PRO E 85 -13.85 -1.31 2.70
C PRO E 85 -15.06 -0.77 1.94
N ALA E 86 -15.59 0.37 2.37
CA ALA E 86 -16.75 0.94 1.69
C ALA E 86 -16.37 1.50 0.33
N PHE E 87 -15.10 1.86 0.18
CA PHE E 87 -14.60 2.44 -1.07
C PHE E 87 -13.67 1.50 -1.81
N ASP E 88 -13.18 0.47 -1.12
CA ASP E 88 -12.27 -0.50 -1.74
C ASP E 88 -13.03 -1.29 -2.78
N LEU E 89 -12.98 -0.81 -4.01
CA LEU E 89 -13.72 -1.43 -5.09
C LEU E 89 -12.99 -2.40 -5.99
N ARG E 90 -13.60 -3.57 -6.18
CA ARG E 90 -13.07 -4.59 -7.07
C ARG E 90 -14.27 -5.04 -7.87
N SER E 91 -14.28 -4.73 -9.16
CA SER E 91 -15.42 -5.08 -9.99
C SER E 91 -15.06 -5.37 -11.44
N VAL E 92 -16.00 -6.00 -12.14
CA VAL E 92 -15.83 -6.31 -13.55
C VAL E 92 -16.97 -5.74 -14.38
N VAL E 93 -16.63 -4.97 -15.39
CA VAL E 93 -17.62 -4.37 -16.28
C VAL E 93 -17.57 -5.09 -17.61
N THR E 94 -18.72 -5.62 -18.03
CA THR E 94 -18.80 -6.36 -19.27
C THR E 94 -19.94 -5.84 -20.13
N PHE E 95 -19.63 -5.51 -21.37
CA PHE E 95 -20.63 -5.02 -22.30
C PHE E 95 -20.95 -6.14 -23.27
N THR E 96 -22.24 -6.36 -23.51
CA THR E 96 -22.69 -7.38 -24.45
C THR E 96 -23.56 -6.72 -25.50
N LEU E 97 -23.13 -6.79 -26.75
CA LEU E 97 -23.89 -6.21 -27.86
C LEU E 97 -24.62 -7.30 -28.63
N THR E 98 -25.94 -7.17 -28.73
CA THR E 98 -26.73 -8.15 -29.45
C THR E 98 -27.43 -7.46 -30.61
N PRO E 99 -27.04 -7.80 -31.86
CA PRO E 99 -27.64 -7.20 -33.05
C PRO E 99 -29.14 -7.42 -33.12
N THR E 100 -29.87 -6.39 -33.53
CA THR E 100 -31.33 -6.47 -33.69
C THR E 100 -31.71 -5.83 -35.02
N PRO E 101 -32.94 -6.06 -35.49
CA PRO E 101 -33.34 -5.46 -36.77
C PRO E 101 -33.24 -3.94 -36.80
N THR E 102 -33.57 -3.29 -35.69
CA THR E 102 -33.55 -1.84 -35.63
C THR E 102 -32.25 -1.25 -35.09
N GLY E 103 -31.31 -2.11 -34.70
CA GLY E 103 -30.05 -1.60 -34.17
C GLY E 103 -29.28 -2.59 -33.34
N THR E 104 -29.02 -2.24 -32.10
CA THR E 104 -28.26 -3.11 -31.21
C THR E 104 -28.80 -3.09 -29.78
N HIS E 105 -28.90 -4.25 -29.16
CA HIS E 105 -29.33 -4.33 -27.78
C HIS E 105 -28.05 -4.33 -26.97
N LEU E 106 -27.95 -3.45 -25.98
CA LEU E 106 -26.75 -3.38 -25.17
C LEU E 106 -27.00 -3.72 -23.70
N ARG E 107 -26.23 -4.66 -23.19
CA ARG E 107 -26.35 -5.04 -21.79
C ARG E 107 -25.04 -4.69 -21.12
N MSE E 108 -25.12 -4.17 -19.91
CA MSE E 108 -23.90 -3.83 -19.19
C MSE E 108 -23.51 -4.92 -18.20
O MSE E 108 -22.89 -5.90 -18.58
CB MSE E 108 -24.07 -2.46 -18.51
CG MSE E 108 -22.77 -1.78 -18.09
SE MSE E 108 -22.15 -2.35 -16.34
CE MSE E 108 -23.73 -1.85 -15.27
N GLU E 109 -23.88 -4.79 -16.93
CA GLU E 109 -23.50 -5.79 -15.92
C GLU E 109 -22.11 -5.58 -15.30
N GLN E 110 -22.13 -5.02 -14.09
CA GLN E 110 -20.92 -4.77 -13.33
C GLN E 110 -21.06 -5.67 -12.11
N SER E 111 -20.16 -6.63 -11.97
CA SER E 111 -20.22 -7.56 -10.88
C SER E 111 -19.05 -7.33 -9.96
N GLY E 112 -19.09 -7.94 -8.78
CA GLY E 112 -18.00 -7.82 -7.84
C GLY E 112 -18.30 -7.02 -6.58
N PHE E 113 -19.51 -6.50 -6.48
CA PHE E 113 -19.93 -5.72 -5.32
C PHE E 113 -20.17 -6.62 -4.11
N ARG E 114 -19.42 -6.38 -3.04
CA ARG E 114 -19.56 -7.16 -1.82
C ARG E 114 -20.87 -6.73 -1.14
N PRO E 115 -21.44 -7.61 -0.30
CA PRO E 115 -22.68 -7.31 0.42
C PRO E 115 -22.58 -6.10 1.33
N ASP E 116 -21.37 -5.83 1.82
CA ASP E 116 -21.16 -4.71 2.71
C ASP E 116 -21.10 -3.38 1.95
N GLN E 117 -20.79 -3.46 0.66
CA GLN E 117 -20.70 -2.25 -0.18
C GLN E 117 -22.06 -1.86 -0.74
N ARG E 118 -23.04 -1.72 0.13
CA ARG E 118 -24.40 -1.35 -0.29
C ARG E 118 -24.35 0.04 -0.94
N ARG E 119 -23.40 0.85 -0.51
CA ARG E 119 -23.21 2.20 -1.06
C ARG E 119 -22.74 2.16 -2.51
N ALA E 120 -21.62 1.49 -2.74
CA ALA E 120 -21.03 1.37 -4.08
C ALA E 120 -22.04 0.79 -5.06
N TYR E 121 -22.78 -0.21 -4.60
CA TYR E 121 -23.79 -0.87 -5.40
C TYR E 121 -24.84 0.13 -5.86
N GLY E 122 -25.42 0.86 -4.90
CA GLY E 122 -26.44 1.84 -5.22
C GLY E 122 -25.96 2.87 -6.22
N GLY E 123 -24.75 3.39 -5.98
CA GLY E 123 -24.18 4.39 -6.87
C GLY E 123 -24.08 3.88 -8.31
N ALA E 124 -23.67 2.64 -8.49
CA ALA E 124 -23.54 2.08 -9.83
C ALA E 124 -24.90 2.04 -10.52
N LYS E 125 -25.93 1.62 -9.79
CA LYS E 125 -27.28 1.53 -10.34
C LYS E 125 -27.79 2.92 -10.73
N MSE E 126 -27.30 3.95 -10.06
CA MSE E 126 -27.72 5.33 -10.34
C MSE E 126 -26.89 5.94 -11.46
O MSE E 126 -27.42 6.64 -12.32
CB MSE E 126 -27.57 6.18 -9.09
CG MSE E 126 -28.75 6.12 -8.15
SE MSE E 126 -30.25 7.07 -8.89
CE MSE E 126 -29.46 8.82 -9.02
N GLY E 127 -25.60 5.66 -11.43
CA GLY E 127 -24.69 6.21 -12.43
C GLY E 127 -24.77 5.63 -13.83
N TRP E 128 -24.82 4.31 -13.95
CA TRP E 128 -24.86 3.71 -15.28
C TRP E 128 -25.99 4.19 -16.20
N PRO E 129 -27.21 4.35 -15.67
CA PRO E 129 -28.29 4.81 -16.53
C PRO E 129 -27.91 6.18 -17.14
N GLN E 130 -27.24 7.00 -16.33
CA GLN E 130 -26.80 8.34 -16.75
C GLN E 130 -25.75 8.23 -17.86
N PHE E 131 -24.82 7.29 -17.71
CA PHE E 131 -23.80 7.09 -18.71
C PHE E 131 -24.43 6.68 -20.03
N PHE E 132 -25.34 5.70 -19.97
CA PHE E 132 -26.02 5.20 -21.17
C PHE E 132 -26.78 6.32 -21.88
N GLU E 133 -27.30 7.26 -21.11
CA GLU E 133 -28.04 8.37 -21.68
C GLU E 133 -27.09 9.26 -22.47
N LYS E 134 -25.90 9.50 -21.95
CA LYS E 134 -24.93 10.32 -22.68
C LYS E 134 -24.43 9.53 -23.90
N LEU E 135 -24.36 8.21 -23.75
CA LEU E 135 -23.91 7.35 -24.85
C LEU E 135 -24.91 7.43 -26.01
N GLU E 136 -26.19 7.32 -25.69
CA GLU E 136 -27.23 7.39 -26.70
C GLU E 136 -27.29 8.75 -27.37
N GLN E 137 -27.13 9.82 -26.59
CA GLN E 137 -27.18 11.15 -27.17
C GLN E 137 -25.97 11.37 -28.05
N LEU E 138 -24.86 10.69 -27.74
CA LEU E 138 -23.65 10.80 -28.55
C LEU E 138 -23.91 10.13 -29.89
N LEU E 139 -24.50 8.95 -29.85
CA LEU E 139 -24.81 8.19 -31.05
C LEU E 139 -25.91 8.82 -31.89
N ASP E 140 -26.79 9.59 -31.24
CA ASP E 140 -27.90 10.26 -31.93
C ASP E 140 -27.51 11.65 -32.43
N ARG E 141 -26.39 12.18 -31.93
CA ARG E 141 -25.94 13.51 -32.32
C ARG E 141 -25.90 13.72 -33.84
N THR F 6 5.33 28.37 -3.38
CA THR F 6 5.56 29.30 -4.53
C THR F 6 5.77 28.53 -5.83
N GLU F 7 6.02 27.23 -5.72
CA GLU F 7 6.23 26.42 -6.90
C GLU F 7 4.92 25.75 -7.32
N ASN F 8 4.04 25.52 -6.35
CA ASN F 8 2.75 24.90 -6.62
C ASN F 8 1.78 25.91 -7.23
N ARG F 9 0.82 25.43 -8.01
CA ARG F 9 -0.14 26.31 -8.65
C ARG F 9 -1.51 26.17 -7.99
N THR F 10 -2.30 27.24 -8.01
CA THR F 10 -3.60 27.15 -7.39
C THR F 10 -4.70 27.65 -8.31
N VAL F 11 -5.84 26.96 -8.27
CA VAL F 11 -6.98 27.32 -9.08
C VAL F 11 -7.85 28.24 -8.24
N VAL F 12 -8.17 29.41 -8.79
CA VAL F 12 -8.99 30.39 -8.09
C VAL F 12 -10.26 30.69 -8.91
N VAL F 13 -11.40 30.63 -8.24
CA VAL F 13 -12.68 30.92 -8.89
C VAL F 13 -13.47 31.86 -7.99
N GLU F 14 -13.99 32.94 -8.55
CA GLU F 14 -14.76 33.92 -7.80
C GLU F 14 -16.10 34.18 -8.47
N ARG F 15 -17.12 34.40 -7.65
CA ARG F 15 -18.46 34.67 -8.17
C ARG F 15 -19.21 35.58 -7.21
N GLN F 16 -20.13 36.37 -7.75
CA GLN F 16 -20.97 37.24 -6.94
C GLN F 16 -22.27 36.45 -6.84
N ILE F 17 -22.66 36.08 -5.63
CA ILE F 17 -23.87 35.28 -5.43
C ILE F 17 -25.00 36.13 -4.85
N SER F 18 -26.17 36.09 -5.48
CA SER F 18 -27.33 36.87 -5.04
C SER F 18 -28.09 36.23 -3.89
N HIS F 19 -27.35 35.83 -2.85
CA HIS F 19 -27.96 35.20 -1.69
C HIS F 19 -27.16 35.59 -0.47
N PRO F 20 -27.83 35.68 0.70
CA PRO F 20 -27.12 36.06 1.93
C PRO F 20 -26.03 35.06 2.31
N PRO F 21 -25.03 35.51 3.09
CA PRO F 21 -23.93 34.65 3.52
C PRO F 21 -24.39 33.40 4.27
N GLU F 22 -25.39 33.56 5.13
CA GLU F 22 -25.91 32.44 5.91
C GLU F 22 -26.39 31.31 4.99
N LYS F 23 -27.10 31.69 3.93
CA LYS F 23 -27.64 30.73 2.98
C LYS F 23 -26.52 29.99 2.23
N LEU F 24 -25.54 30.73 1.76
CA LEU F 24 -24.41 30.14 1.03
C LEU F 24 -23.62 29.23 1.98
N TRP F 25 -23.49 29.65 3.23
CA TRP F 25 -22.77 28.87 4.21
C TRP F 25 -23.42 27.50 4.41
N ARG F 26 -24.74 27.46 4.47
CA ARG F 26 -25.46 26.19 4.63
C ARG F 26 -25.23 25.25 3.45
N ALA F 27 -25.28 25.79 2.24
CA ALA F 27 -25.06 24.98 1.06
C ALA F 27 -23.62 24.45 0.98
N LEU F 28 -22.69 25.12 1.65
CA LEU F 28 -21.29 24.70 1.63
C LEU F 28 -20.90 23.80 2.79
N THR F 29 -21.76 23.71 3.80
CA THR F 29 -21.46 22.92 4.99
C THR F 29 -22.45 21.83 5.39
N GLN F 30 -23.59 21.75 4.71
CA GLN F 30 -24.56 20.72 5.04
C GLN F 30 -24.48 19.63 3.99
N PRO F 31 -24.21 18.39 4.42
CA PRO F 31 -24.08 17.20 3.59
C PRO F 31 -25.10 17.07 2.45
N HIS F 32 -26.39 17.04 2.78
CA HIS F 32 -27.41 16.87 1.75
C HIS F 32 -27.41 18.00 0.71
N LEU F 33 -26.92 19.17 1.11
CA LEU F 33 -26.85 20.31 0.20
C LEU F 33 -25.57 20.26 -0.64
N ILE F 34 -24.46 19.95 0.00
CA ILE F 34 -23.19 19.86 -0.72
C ILE F 34 -23.30 18.81 -1.83
N GLU F 35 -24.00 17.71 -1.54
CA GLU F 35 -24.19 16.64 -2.51
C GLU F 35 -24.90 17.12 -3.78
N GLU F 36 -25.76 18.14 -3.63
CA GLU F 36 -26.51 18.69 -4.75
C GLU F 36 -25.65 19.43 -5.79
N TRP F 37 -24.61 20.13 -5.34
CA TRP F 37 -23.76 20.86 -6.28
C TRP F 37 -22.38 20.22 -6.46
N LEU F 38 -21.99 19.37 -5.51
CA LEU F 38 -20.71 18.69 -5.62
C LEU F 38 -21.00 17.20 -5.80
N MSE F 39 -20.98 16.44 -4.72
CA MSE F 39 -21.26 15.02 -4.81
C MSE F 39 -21.37 14.40 -3.41
O MSE F 39 -21.13 15.10 -2.41
CB MSE F 39 -20.17 14.31 -5.63
CG MSE F 39 -18.82 14.28 -4.94
SE MSE F 39 -17.36 13.61 -6.03
CE MSE F 39 -16.74 15.30 -6.78
N LYS F 40 -21.72 13.13 -3.34
CA LYS F 40 -21.88 12.41 -2.08
C LYS F 40 -20.76 12.69 -1.10
N ASN F 41 -21.11 12.91 0.16
CA ASN F 41 -20.10 13.22 1.17
C ASN F 41 -20.61 13.04 2.61
N ASP F 42 -19.67 12.99 3.55
CA ASP F 42 -20.02 12.87 4.96
C ASP F 42 -19.31 14.00 5.72
N PHE F 43 -19.35 15.17 5.10
CA PHE F 43 -18.74 16.38 5.65
C PHE F 43 -19.37 16.86 6.95
N LYS F 44 -18.55 17.48 7.79
CA LYS F 44 -18.98 18.07 9.05
C LYS F 44 -18.12 19.33 9.25
N PRO F 45 -18.76 20.45 9.62
CA PRO F 45 -18.08 21.75 9.85
C PRO F 45 -17.26 21.79 11.13
N ALA F 46 -16.32 20.86 11.31
CA ALA F 46 -15.52 20.85 12.53
C ALA F 46 -14.04 20.59 12.21
N VAL F 47 -13.17 21.46 12.73
CA VAL F 47 -11.75 21.31 12.50
C VAL F 47 -11.28 19.92 12.96
N GLY F 48 -10.51 19.25 12.11
CA GLY F 48 -10.01 17.92 12.45
C GLY F 48 -10.86 16.81 11.87
N HIS F 49 -12.10 17.13 11.49
CA HIS F 49 -12.98 16.12 10.93
C HIS F 49 -12.49 15.53 9.62
N ARG F 50 -12.47 14.20 9.56
CA ARG F 50 -12.03 13.50 8.37
C ARG F 50 -13.25 12.92 7.66
N PHE F 51 -13.30 13.09 6.34
CA PHE F 51 -14.43 12.59 5.57
C PHE F 51 -13.99 12.23 4.17
N ASN F 52 -14.96 11.97 3.30
CA ASN F 52 -14.66 11.64 1.92
C ASN F 52 -15.68 12.32 1.03
N ILE F 53 -15.31 12.44 -0.24
CA ILE F 53 -16.18 12.98 -1.26
C ILE F 53 -16.04 11.94 -2.34
N SER F 54 -17.16 11.36 -2.75
CA SER F 54 -17.14 10.32 -3.75
C SER F 54 -18.26 10.42 -4.77
N ALA F 55 -18.04 9.78 -5.91
CA ALA F 55 -18.98 9.77 -7.02
C ALA F 55 -19.69 8.43 -7.12
N ASP F 56 -20.80 8.42 -7.83
CA ASP F 56 -21.59 7.20 -8.00
C ASP F 56 -20.83 6.09 -8.72
N TRP F 57 -19.84 6.47 -9.53
CA TRP F 57 -19.07 5.47 -10.26
C TRP F 57 -17.86 4.89 -9.52
N GLY F 58 -17.62 5.35 -8.29
CA GLY F 58 -16.51 4.80 -7.53
C GLY F 58 -15.41 5.73 -7.12
N GLY F 59 -15.13 6.75 -7.93
CA GLY F 59 -14.07 7.69 -7.59
C GLY F 59 -14.31 8.29 -6.22
N VAL F 60 -13.23 8.51 -5.47
CA VAL F 60 -13.34 9.05 -4.12
C VAL F 60 -12.07 9.78 -3.69
N LEU F 61 -12.24 10.86 -2.94
CA LEU F 61 -11.12 11.63 -2.43
C LEU F 61 -11.16 11.62 -0.91
N ASP F 62 -9.98 11.73 -0.30
CA ASP F 62 -9.87 11.78 1.15
C ASP F 62 -9.74 13.24 1.55
N CYS F 63 -10.50 13.65 2.56
CA CYS F 63 -10.50 15.04 3.02
C CYS F 63 -10.48 15.19 4.52
N GLU F 64 -9.93 16.32 4.97
CA GLU F 64 -9.86 16.65 6.38
C GLU F 64 -10.18 18.13 6.50
N VAL F 65 -11.06 18.48 7.43
CA VAL F 65 -11.40 19.88 7.62
C VAL F 65 -10.22 20.60 8.28
N LEU F 66 -9.78 21.69 7.69
CA LEU F 66 -8.62 22.43 8.19
C LEU F 66 -8.92 23.66 9.04
N ALA F 67 -9.90 24.44 8.61
CA ALA F 67 -10.29 25.68 9.29
C ALA F 67 -11.79 25.93 9.11
N VAL F 68 -12.42 26.54 10.10
CA VAL F 68 -13.85 26.82 10.01
C VAL F 68 -14.17 28.14 10.70
N GLU F 69 -14.72 29.08 9.95
CA GLU F 69 -15.08 30.37 10.52
C GLU F 69 -16.47 30.68 9.96
N PRO F 70 -17.51 30.30 10.71
CA PRO F 70 -18.93 30.48 10.38
C PRO F 70 -19.25 31.69 9.51
N ASN F 71 -19.81 31.39 8.35
CA ASN F 71 -20.21 32.40 7.36
C ASN F 71 -19.08 33.25 6.83
N LYS F 72 -17.84 32.81 7.03
CA LYS F 72 -16.69 33.60 6.59
C LYS F 72 -15.68 32.80 5.76
N THR F 73 -15.24 31.67 6.32
CA THR F 73 -14.27 30.87 5.61
C THR F 73 -14.31 29.40 6.00
N LEU F 74 -14.11 28.55 5.00
CA LEU F 74 -14.12 27.11 5.17
C LEU F 74 -12.97 26.53 4.36
N SER F 75 -12.16 25.71 5.00
CA SER F 75 -11.02 25.09 4.36
C SER F 75 -10.88 23.62 4.68
N TYR F 76 -10.60 22.81 3.66
CA TYR F 76 -10.38 21.38 3.87
C TYR F 76 -9.47 20.86 2.78
N THR F 77 -8.95 19.66 2.99
CA THR F 77 -8.07 19.06 2.02
C THR F 77 -8.87 18.26 1.00
N TRP F 78 -8.22 18.07 -0.15
CA TRP F 78 -8.75 17.29 -1.26
C TRP F 78 -7.52 16.52 -1.67
N ASN F 79 -7.39 15.32 -1.13
CA ASN F 79 -6.23 14.47 -1.42
C ASN F 79 -6.61 13.14 -2.00
N LEU F 80 -5.66 12.53 -2.70
CA LEU F 80 -5.83 11.23 -3.30
C LEU F 80 -4.44 10.61 -3.41
N ALA F 81 -4.24 9.50 -2.70
CA ALA F 81 -2.97 8.79 -2.73
C ALA F 81 -3.03 7.81 -3.91
N HIS F 82 -2.07 7.92 -4.82
CA HIS F 82 -2.03 7.03 -5.98
C HIS F 82 -0.57 6.85 -6.42
N GLN F 83 -0.27 5.67 -6.95
CA GLN F 83 1.08 5.34 -7.41
C GLN F 83 1.53 6.22 -8.58
N ASP F 84 0.56 6.63 -9.39
CA ASP F 84 0.82 7.46 -10.54
C ASP F 84 0.90 8.92 -10.10
N PRO F 85 2.04 9.59 -10.34
CA PRO F 85 2.21 10.99 -9.95
C PRO F 85 1.20 11.92 -10.61
N ALA F 86 0.62 11.47 -11.72
CA ALA F 86 -0.38 12.28 -12.42
C ALA F 86 -1.72 12.18 -11.69
N PHE F 87 -1.85 11.21 -10.79
CA PHE F 87 -3.09 11.05 -10.03
C PHE F 87 -2.92 11.26 -8.53
N ASP F 88 -1.68 11.27 -8.06
CA ASP F 88 -1.36 11.47 -6.65
C ASP F 88 -1.61 12.94 -6.31
N LEU F 89 -2.78 13.23 -5.74
CA LEU F 89 -3.16 14.60 -5.42
C LEU F 89 -3.09 15.01 -3.96
N ARG F 90 -2.55 16.19 -3.72
CA ARG F 90 -2.45 16.73 -2.37
C ARG F 90 -2.80 18.20 -2.55
N SER F 91 -3.96 18.60 -2.03
CA SER F 91 -4.37 19.98 -2.20
C SER F 91 -5.23 20.51 -1.06
N VAL F 92 -5.41 21.83 -1.04
CA VAL F 92 -6.21 22.49 -0.02
C VAL F 92 -7.26 23.36 -0.72
N VAL F 93 -8.51 23.19 -0.33
CA VAL F 93 -9.63 23.94 -0.89
C VAL F 93 -10.10 24.94 0.17
N THR F 94 -10.15 26.22 -0.19
CA THR F 94 -10.56 27.25 0.75
C THR F 94 -11.62 28.18 0.19
N PHE F 95 -12.73 28.25 0.90
CA PHE F 95 -13.85 29.10 0.52
C PHE F 95 -13.78 30.36 1.38
N THR F 96 -14.02 31.51 0.76
CA THR F 96 -13.99 32.77 1.49
C THR F 96 -15.26 33.54 1.14
N LEU F 97 -16.12 33.75 2.14
CA LEU F 97 -17.36 34.48 1.93
C LEU F 97 -17.22 35.92 2.38
N THR F 98 -17.56 36.86 1.50
CA THR F 98 -17.48 38.28 1.80
C THR F 98 -18.86 38.88 1.55
N PRO F 99 -19.60 39.19 2.63
CA PRO F 99 -20.94 39.76 2.52
C PRO F 99 -20.99 41.05 1.69
N THR F 100 -21.98 41.17 0.82
CA THR F 100 -22.15 42.39 0.03
C THR F 100 -23.63 42.78 0.11
N PRO F 101 -23.96 44.01 -0.29
CA PRO F 101 -25.35 44.51 -0.26
C PRO F 101 -26.37 43.64 -0.99
N THR F 102 -25.95 43.03 -2.09
CA THR F 102 -26.86 42.21 -2.86
C THR F 102 -26.73 40.73 -2.57
N GLY F 103 -25.77 40.36 -1.76
CA GLY F 103 -25.59 38.95 -1.44
C GLY F 103 -24.24 38.64 -0.83
N THR F 104 -23.51 37.73 -1.47
CA THR F 104 -22.21 37.32 -0.96
C THR F 104 -21.23 37.10 -2.08
N HIS F 105 -20.01 37.60 -1.91
CA HIS F 105 -19.00 37.38 -2.91
C HIS F 105 -18.27 36.12 -2.42
N LEU F 106 -18.18 35.12 -3.29
CA LEU F 106 -17.53 33.87 -2.93
C LEU F 106 -16.29 33.60 -3.76
N ARG F 107 -15.20 33.26 -3.08
CA ARG F 107 -13.95 32.93 -3.74
C ARG F 107 -13.50 31.54 -3.29
N MSE F 108 -13.11 30.71 -4.24
CA MSE F 108 -12.65 29.36 -3.94
C MSE F 108 -11.23 29.25 -4.51
O MSE F 108 -11.01 29.57 -5.67
CB MSE F 108 -13.55 28.32 -4.60
CG MSE F 108 -13.22 26.84 -4.27
SE MSE F 108 -11.54 26.16 -4.96
CE MSE F 108 -11.71 26.66 -6.83
N GLU F 109 -10.30 28.81 -3.67
CA GLU F 109 -8.93 28.62 -4.11
C GLU F 109 -8.49 27.21 -3.76
N GLN F 110 -7.99 26.49 -4.75
CA GLN F 110 -7.50 25.14 -4.53
C GLN F 110 -6.02 25.18 -4.88
N SER F 111 -5.19 25.03 -3.85
CA SER F 111 -3.75 25.09 -4.03
C SER F 111 -3.12 23.73 -3.84
N GLY F 112 -1.83 23.64 -4.15
CA GLY F 112 -1.13 22.39 -3.97
C GLY F 112 -0.83 21.59 -5.22
N PHE F 113 -1.20 22.13 -6.38
CA PHE F 113 -0.95 21.43 -7.64
C PHE F 113 0.54 21.53 -7.98
N ARG F 114 1.23 20.39 -8.01
CA ARG F 114 2.65 20.41 -8.33
C ARG F 114 2.83 20.89 -9.76
N PRO F 115 3.99 21.43 -10.09
CA PRO F 115 4.24 21.92 -11.46
C PRO F 115 4.14 20.82 -12.51
N ASP F 116 4.37 19.58 -12.10
CA ASP F 116 4.32 18.46 -13.03
C ASP F 116 2.89 17.93 -13.18
N GLN F 117 1.96 18.51 -12.43
CA GLN F 117 0.57 18.07 -12.49
C GLN F 117 -0.28 19.00 -13.34
N ARG F 118 0.05 19.10 -14.62
CA ARG F 118 -0.71 19.97 -15.52
C ARG F 118 -2.09 19.40 -15.80
N ARG F 119 -2.25 18.09 -15.70
CA ARG F 119 -3.55 17.47 -15.94
C ARG F 119 -4.50 17.78 -14.78
N ALA F 120 -4.04 17.54 -13.56
CA ALA F 120 -4.83 17.79 -12.37
C ALA F 120 -5.23 19.26 -12.29
N TYR F 121 -4.32 20.13 -12.68
CA TYR F 121 -4.56 21.57 -12.68
C TYR F 121 -5.65 21.93 -13.67
N GLY F 122 -5.51 21.43 -14.90
CA GLY F 122 -6.48 21.71 -15.94
C GLY F 122 -7.85 21.18 -15.59
N GLY F 123 -7.88 20.01 -14.96
CA GLY F 123 -9.14 19.42 -14.57
C GLY F 123 -9.83 20.32 -13.55
N ALA F 124 -9.06 20.79 -12.58
CA ALA F 124 -9.58 21.66 -11.54
C ALA F 124 -10.11 22.97 -12.14
N LYS F 125 -9.36 23.53 -13.08
CA LYS F 125 -9.77 24.76 -13.73
C LYS F 125 -11.10 24.60 -14.46
N MSE F 126 -11.29 23.43 -15.05
CA MSE F 126 -12.50 23.12 -15.79
C MSE F 126 -13.67 22.70 -14.93
O MSE F 126 -14.82 23.05 -15.21
CB MSE F 126 -12.20 22.03 -16.82
CG MSE F 126 -12.17 22.51 -18.26
SE MSE F 126 -13.95 22.79 -18.94
CE MSE F 126 -14.57 20.94 -18.88
N GLY F 127 -13.39 21.95 -13.87
CA GLY F 127 -14.44 21.46 -13.01
C GLY F 127 -15.07 22.43 -12.01
N TRP F 128 -14.29 23.31 -11.40
CA TRP F 128 -14.89 24.22 -10.43
C TRP F 128 -15.98 25.12 -11.01
N PRO F 129 -15.78 25.64 -12.24
CA PRO F 129 -16.82 26.49 -12.81
C PRO F 129 -18.16 25.74 -12.86
N GLN F 130 -18.10 24.45 -13.17
CA GLN F 130 -19.30 23.61 -13.25
C GLN F 130 -19.94 23.43 -11.88
N PHE F 131 -19.12 23.19 -10.86
CA PHE F 131 -19.62 23.01 -9.50
C PHE F 131 -20.29 24.32 -9.06
N PHE F 132 -19.66 25.44 -9.37
CA PHE F 132 -20.22 26.75 -8.99
C PHE F 132 -21.56 26.99 -9.65
N GLU F 133 -21.68 26.62 -10.92
CA GLU F 133 -22.93 26.81 -11.64
C GLU F 133 -24.00 26.00 -10.91
N LYS F 134 -23.65 24.78 -10.50
CA LYS F 134 -24.57 23.89 -9.79
C LYS F 134 -24.99 24.53 -8.47
N LEU F 135 -24.01 25.09 -7.77
CA LEU F 135 -24.24 25.74 -6.48
C LEU F 135 -25.24 26.89 -6.60
N GLU F 136 -25.05 27.74 -7.61
CA GLU F 136 -25.94 28.87 -7.83
C GLU F 136 -27.35 28.44 -8.21
N GLN F 137 -27.48 27.43 -9.05
CA GLN F 137 -28.81 26.98 -9.43
C GLN F 137 -29.49 26.35 -8.21
N LEU F 138 -28.69 25.79 -7.31
CA LEU F 138 -29.20 25.17 -6.09
C LEU F 138 -29.81 26.25 -5.20
N LEU F 139 -29.06 27.32 -4.98
CA LEU F 139 -29.51 28.42 -4.14
C LEU F 139 -30.76 29.10 -4.71
N ASP F 140 -30.89 29.08 -6.04
CA ASP F 140 -32.04 29.68 -6.69
C ASP F 140 -33.26 28.76 -6.62
N ARG F 141 -33.03 27.46 -6.72
CA ARG F 141 -34.10 26.47 -6.65
C ARG F 141 -34.71 26.36 -5.26
N THR F 142 -33.88 26.54 -4.24
CA THR F 142 -34.33 26.46 -2.86
C THR F 142 -34.77 27.83 -2.34
N ASP F 143 -34.79 28.81 -3.23
CA ASP F 143 -35.17 30.18 -2.89
C ASP F 143 -36.69 30.34 -2.98
N LEU F 144 -37.26 31.09 -2.05
CA LEU F 144 -38.70 31.34 -2.03
C LEU F 144 -39.15 32.05 -3.29
#